data_9MH9
#
_entry.id   9MH9
#
_cell.length_a   1.00
_cell.length_b   1.00
_cell.length_c   1.00
_cell.angle_alpha   90.00
_cell.angle_beta   90.00
_cell.angle_gamma   90.00
#
_symmetry.space_group_name_H-M   'P 1'
#
_entity_poly.entity_id   1
_entity_poly.type   'polypeptide(L)'
_entity_poly.pdbx_seq_one_letter_code
;MTMAKLTESMTNVLEGDSMDQDVESPVAIHQPKLPKQARDDLPRHISRDRTKRKIQRYVRKDGKCNVHHGNVRETYRYLT
DIFTTLVDLKWFFNLLIFVMVYTVTWLFFGMIWWLIAYIRGDMDHIEDPSWTPCVTNLNGFVSAFLFSIETETTIGYGYR
VITDKCPEGIILLLIQSVLGSIVNAFMVGCMFVKISQPKKRAETLVFSTHAVISMRDGKLCLMFRVGDLRNSHIVEASIR
AKLIKSKQTSEGEFIPLNQTDINVGYYTGDDRLFLVSPLIISHEINQQSPFWEISKAQLPKEELEIVVILEGMVEATGMT
CQARSSYITSEILWGYRFTPVLTLEDGFYEVDYNSFHETYETSTPSLSAKELAELANRAESPLSWSVSSKLNQHAELETE
EEEKNPEELTERNGDVANLENESKS
;
_entity_poly.pdbx_strand_id   A,B,C,D
#
# COMPACT_ATOMS: atom_id res chain seq x y z
N ILE A 55 -23.89 6.69 24.91
CA ILE A 55 -22.75 6.02 24.20
C ILE A 55 -22.49 6.70 22.87
N GLN A 56 -21.22 6.83 22.51
CA GLN A 56 -20.84 7.50 21.28
C GLN A 56 -19.60 6.83 20.70
N ARG A 57 -19.41 7.01 19.39
CA ARG A 57 -18.23 6.50 18.70
C ARG A 57 -17.11 7.55 18.75
N TYR A 58 -16.58 7.74 19.96
CA TYR A 58 -15.61 8.81 20.17
C TYR A 58 -14.34 8.59 19.35
N VAL A 59 -13.86 7.36 19.27
CA VAL A 59 -12.65 7.01 18.52
C VAL A 59 -11.57 8.04 18.76
N ARG A 60 -11.50 8.55 20.00
CA ARG A 60 -10.67 9.72 20.27
C ARG A 60 -9.26 9.57 19.74
N LYS A 61 -8.64 8.41 19.95
CA LYS A 61 -7.33 8.14 19.35
C LYS A 61 -7.21 6.70 18.87
N ASP A 62 -8.29 5.92 18.87
CA ASP A 62 -8.22 4.50 18.58
C ASP A 62 -9.57 4.06 18.05
N GLY A 63 -9.78 2.74 18.01
CA GLY A 63 -11.01 2.19 17.46
C GLY A 63 -12.26 2.66 18.18
N LYS A 64 -13.40 2.05 17.85
CA LYS A 64 -14.68 2.56 18.31
C LYS A 64 -14.87 2.25 19.79
N CYS A 65 -16.03 2.65 20.31
CA CYS A 65 -16.40 2.39 21.70
C CYS A 65 -16.98 0.99 21.78
N ASN A 66 -16.09 0.00 21.88
CA ASN A 66 -16.48 -1.40 21.93
C ASN A 66 -15.48 -2.16 22.79
N VAL A 67 -15.88 -3.35 23.23
CA VAL A 67 -15.11 -4.14 24.18
C VAL A 67 -14.61 -5.40 23.48
N HIS A 68 -13.30 -5.57 23.43
CA HIS A 68 -12.69 -6.80 22.95
C HIS A 68 -11.20 -6.75 23.23
N HIS A 69 -10.67 -7.84 23.79
CA HIS A 69 -9.24 -7.94 24.07
C HIS A 69 -8.59 -9.04 23.26
N GLY A 70 -9.09 -10.28 23.41
CA GLY A 70 -8.54 -11.38 22.64
C GLY A 70 -9.13 -11.49 21.26
N ASN A 71 -10.32 -10.90 21.06
CA ASN A 71 -10.93 -10.90 19.74
C ASN A 71 -10.02 -10.22 18.73
N VAL A 72 -9.29 -9.18 19.16
CA VAL A 72 -8.38 -8.49 18.26
C VAL A 72 -7.33 -9.45 17.73
N ARG A 73 -6.66 -10.18 18.64
CA ARG A 73 -5.62 -11.11 18.22
C ARG A 73 -6.19 -12.24 17.37
N GLU A 74 -7.34 -12.78 17.77
CA GLU A 74 -7.92 -13.89 17.01
C GLU A 74 -8.28 -13.45 15.60
N THR A 75 -8.92 -12.28 15.46
CA THR A 75 -9.30 -11.79 14.14
C THR A 75 -8.06 -11.46 13.31
N TYR A 76 -7.04 -10.86 13.94
CA TYR A 76 -5.81 -10.59 13.21
C TYR A 76 -5.21 -11.87 12.65
N ARG A 77 -5.10 -12.89 13.49
CA ARG A 77 -4.52 -14.15 13.04
C ARG A 77 -5.37 -14.77 11.93
N TYR A 78 -6.69 -14.78 12.09
CA TYR A 78 -7.56 -15.40 11.10
C TYR A 78 -7.48 -14.67 9.76
N LEU A 79 -7.55 -13.33 9.79
CA LEU A 79 -7.50 -12.57 8.55
C LEU A 79 -6.16 -12.75 7.86
N THR A 80 -5.05 -12.71 8.61
CA THR A 80 -3.75 -12.92 8.01
C THR A 80 -3.65 -14.32 7.42
N ASP A 81 -4.16 -15.33 8.12
CA ASP A 81 -4.11 -16.70 7.62
C ASP A 81 -4.86 -16.83 6.31
N ILE A 82 -6.09 -16.31 6.25
CA ILE A 82 -6.88 -16.46 5.03
C ILE A 82 -6.26 -15.65 3.90
N PHE A 83 -5.71 -14.47 4.19
CA PHE A 83 -5.12 -13.64 3.16
C PHE A 83 -3.84 -14.25 2.61
N THR A 84 -3.08 -14.95 3.46
CA THR A 84 -1.88 -15.64 3.00
C THR A 84 -2.24 -16.93 2.28
N THR A 85 -3.37 -17.53 2.64
CA THR A 85 -3.69 -18.87 2.14
C THR A 85 -4.44 -18.80 0.81
N LEU A 86 -5.46 -17.95 0.72
CA LEU A 86 -6.32 -17.99 -0.46
C LEU A 86 -6.79 -19.44 -0.62
N VAL A 87 -7.64 -19.87 0.32
CA VAL A 87 -7.71 -21.27 0.73
C VAL A 87 -7.84 -22.19 -0.48
N ASP A 88 -8.95 -22.08 -1.22
CA ASP A 88 -9.40 -23.20 -2.03
C ASP A 88 -8.32 -23.68 -2.99
N LEU A 89 -7.91 -22.84 -3.94
CA LEU A 89 -6.96 -23.26 -4.95
C LEU A 89 -5.53 -23.26 -4.40
N LYS A 90 -5.17 -22.20 -3.67
CA LYS A 90 -3.76 -21.94 -3.41
C LYS A 90 -3.24 -22.77 -2.24
N TRP A 91 -4.12 -23.11 -1.31
CA TRP A 91 -3.76 -23.95 -0.17
C TRP A 91 -3.03 -25.15 -0.64
N PHE A 92 -3.80 -26.20 -0.89
CA PHE A 92 -3.16 -27.43 -1.28
C PHE A 92 -2.19 -27.13 -2.39
N PHE A 93 -2.54 -26.21 -3.27
CA PHE A 93 -1.70 -25.94 -4.41
C PHE A 93 -0.29 -25.72 -3.99
N ASN A 94 -0.05 -24.59 -3.38
CA ASN A 94 1.31 -24.26 -3.03
C ASN A 94 1.87 -25.13 -1.92
N LEU A 95 1.04 -25.79 -1.14
CA LEU A 95 1.62 -26.66 -0.14
C LEU A 95 2.35 -27.75 -0.87
N LEU A 96 1.68 -28.30 -1.85
CA LEU A 96 2.34 -29.32 -2.60
C LEU A 96 3.49 -28.69 -3.34
N ILE A 97 3.31 -27.53 -3.91
CA ILE A 97 4.42 -27.01 -4.66
C ILE A 97 5.62 -27.08 -3.74
N PHE A 98 5.51 -26.62 -2.50
CA PHE A 98 6.65 -26.58 -1.59
C PHE A 98 7.18 -27.92 -1.19
N VAL A 99 6.31 -28.81 -0.76
CA VAL A 99 6.87 -30.03 -0.33
C VAL A 99 7.65 -30.57 -1.44
N MET A 100 7.17 -30.40 -2.64
CA MET A 100 7.89 -31.04 -3.70
C MET A 100 9.20 -30.35 -3.99
N VAL A 101 9.17 -29.04 -4.09
CA VAL A 101 10.37 -28.35 -4.40
C VAL A 101 11.38 -28.83 -3.42
N TYR A 102 10.99 -29.07 -2.18
CA TYR A 102 12.02 -29.55 -1.30
C TYR A 102 12.39 -30.98 -1.68
N THR A 103 11.54 -31.93 -1.42
CA THR A 103 12.00 -33.27 -1.71
C THR A 103 12.79 -33.44 -3.01
N VAL A 104 12.45 -32.80 -4.12
CA VAL A 104 13.27 -33.07 -5.29
C VAL A 104 14.70 -32.59 -5.02
N THR A 105 14.87 -31.42 -4.41
CA THR A 105 16.23 -30.97 -4.14
C THR A 105 16.93 -31.95 -3.19
N TRP A 106 16.23 -32.39 -2.14
CA TRP A 106 16.85 -33.34 -1.22
C TRP A 106 17.20 -34.65 -1.91
N LEU A 107 16.29 -35.18 -2.73
CA LEU A 107 16.55 -36.45 -3.39
C LEU A 107 17.69 -36.34 -4.39
N PHE A 108 17.74 -35.25 -5.16
CA PHE A 108 18.81 -35.06 -6.12
C PHE A 108 20.16 -34.98 -5.42
N PHE A 109 20.24 -34.15 -4.38
CA PHE A 109 21.50 -34.03 -3.66
C PHE A 109 21.87 -35.35 -2.98
N GLY A 110 20.87 -36.14 -2.57
CA GLY A 110 21.15 -37.44 -2.00
C GLY A 110 21.73 -38.39 -3.03
N MET A 111 21.18 -38.37 -4.24
CA MET A 111 21.72 -39.19 -5.32
C MET A 111 23.17 -38.83 -5.59
N ILE A 112 23.46 -37.53 -5.67
CA ILE A 112 24.84 -37.12 -5.97
C ILE A 112 25.76 -37.45 -4.79
N TRP A 113 25.27 -37.33 -3.55
CA TRP A 113 26.06 -37.76 -2.40
C TRP A 113 26.38 -39.25 -2.47
N TRP A 114 25.39 -40.06 -2.82
CA TRP A 114 25.61 -41.50 -2.94
C TRP A 114 26.65 -41.78 -4.01
N LEU A 115 26.55 -41.11 -5.16
CA LEU A 115 27.49 -41.39 -6.24
C LEU A 115 28.91 -40.95 -5.87
N ILE A 116 29.05 -39.79 -5.23
CA ILE A 116 30.38 -39.33 -4.84
C ILE A 116 30.97 -40.25 -3.78
N ALA A 117 30.13 -40.85 -2.94
CA ALA A 117 30.63 -41.85 -2.00
C ALA A 117 30.97 -43.15 -2.72
N TYR A 118 30.29 -43.42 -3.84
CA TYR A 118 30.44 -44.71 -4.50
C TYR A 118 31.76 -44.83 -5.26
N ILE A 119 32.16 -43.77 -5.96
CA ILE A 119 33.29 -43.89 -6.88
C ILE A 119 34.56 -44.31 -6.14
N ARG A 120 34.92 -43.63 -5.06
CA ARG A 120 36.05 -44.05 -4.24
C ARG A 120 35.73 -43.91 -2.75
N GLY A 121 34.70 -43.11 -2.43
CA GLY A 121 34.51 -42.64 -1.07
C GLY A 121 34.30 -43.72 -0.03
N ASP A 122 33.45 -44.70 -0.31
CA ASP A 122 33.02 -45.63 0.72
C ASP A 122 32.75 -46.99 0.08
N MET A 123 32.04 -47.85 0.82
CA MET A 123 31.72 -49.21 0.37
C MET A 123 32.99 -50.04 0.21
N ASP A 124 33.84 -49.67 -0.74
CA ASP A 124 35.08 -50.42 -0.94
C ASP A 124 35.92 -50.46 0.33
N HIS A 125 35.98 -49.35 1.07
CA HIS A 125 36.70 -49.27 2.34
C HIS A 125 35.79 -48.90 3.50
N ILE A 126 34.53 -49.36 3.47
CA ILE A 126 33.58 -48.97 4.51
C ILE A 126 34.03 -49.47 5.88
N GLU A 127 34.47 -50.72 5.97
CA GLU A 127 34.83 -51.33 7.25
C GLU A 127 36.30 -51.15 7.60
N ASP A 128 37.10 -50.54 6.73
CA ASP A 128 38.52 -50.38 7.00
C ASP A 128 38.74 -49.25 8.00
N PRO A 129 39.31 -49.51 9.17
CA PRO A 129 39.57 -48.40 10.10
C PRO A 129 40.50 -47.34 9.53
N SER A 130 41.49 -47.74 8.73
CA SER A 130 42.45 -46.80 8.18
C SER A 130 41.85 -45.85 7.16
N TRP A 131 40.64 -46.11 6.69
CA TRP A 131 40.03 -45.26 5.68
C TRP A 131 39.45 -44.01 6.31
N THR A 132 39.29 -42.98 5.49
CA THR A 132 38.71 -41.70 5.92
C THR A 132 37.60 -41.34 4.95
N PRO A 133 36.38 -41.82 5.19
CA PRO A 133 35.29 -41.56 4.24
C PRO A 133 35.02 -40.08 4.07
N CYS A 134 34.60 -39.72 2.86
CA CYS A 134 34.26 -38.32 2.58
C CYS A 134 33.25 -37.81 3.60
N VAL A 135 32.21 -38.57 3.85
CA VAL A 135 31.21 -38.27 4.88
C VAL A 135 31.17 -39.46 5.82
N THR A 136 31.75 -39.30 7.01
CA THR A 136 31.89 -40.42 7.94
C THR A 136 30.52 -40.97 8.32
N ASN A 137 30.45 -42.29 8.45
CA ASN A 137 29.21 -43.00 8.77
C ASN A 137 28.16 -42.73 7.71
N LEU A 138 28.46 -43.18 6.50
CA LEU A 138 27.61 -42.96 5.32
C LEU A 138 27.42 -44.29 4.59
N ASN A 139 26.33 -44.99 4.93
CA ASN A 139 25.88 -46.12 4.14
C ASN A 139 25.11 -45.61 2.94
N GLY A 140 25.40 -46.14 1.75
CA GLY A 140 25.17 -45.37 0.54
C GLY A 140 23.82 -44.69 0.48
N PHE A 141 22.75 -45.46 0.30
CA PHE A 141 21.47 -44.85 -0.10
C PHE A 141 20.83 -44.11 1.07
N VAL A 142 20.48 -44.84 2.14
CA VAL A 142 19.72 -44.24 3.22
C VAL A 142 20.54 -43.16 3.92
N SER A 143 21.83 -43.45 4.18
CA SER A 143 22.65 -42.45 4.86
C SER A 143 22.90 -41.24 3.96
N ALA A 144 23.04 -41.43 2.66
CA ALA A 144 23.19 -40.29 1.76
C ALA A 144 21.97 -39.39 1.82
N PHE A 145 20.77 -39.99 1.75
CA PHE A 145 19.57 -39.17 1.82
C PHE A 145 19.45 -38.48 3.18
N LEU A 146 19.78 -39.20 4.25
CA LEU A 146 19.70 -38.61 5.59
C LEU A 146 20.67 -37.44 5.72
N PHE A 147 21.89 -37.59 5.20
CA PHE A 147 22.85 -36.50 5.27
C PHE A 147 22.39 -35.32 4.43
N SER A 148 21.77 -35.57 3.29
CA SER A 148 21.24 -34.47 2.48
C SER A 148 20.18 -33.71 3.26
N ILE A 149 19.22 -34.42 3.85
CA ILE A 149 18.16 -33.73 4.58
C ILE A 149 18.71 -32.99 5.79
N GLU A 150 19.72 -33.55 6.44
CA GLU A 150 20.30 -32.88 7.60
C GLU A 150 21.05 -31.61 7.18
N THR A 151 21.90 -31.72 6.16
CA THR A 151 22.75 -30.59 5.80
C THR A 151 21.94 -29.46 5.16
N GLU A 152 21.04 -29.80 4.24
CA GLU A 152 20.30 -28.75 3.54
C GLU A 152 19.38 -28.00 4.48
N THR A 153 18.87 -28.67 5.51
CA THR A 153 17.95 -28.03 6.45
C THR A 153 18.66 -27.28 7.56
N THR A 154 19.99 -27.32 7.61
CA THR A 154 20.79 -26.65 8.64
C THR A 154 20.67 -27.32 10.01
N ILE A 155 20.30 -28.60 10.04
CA ILE A 155 20.23 -29.32 11.31
C ILE A 155 21.59 -29.89 11.69
N GLY A 156 22.13 -30.77 10.85
CA GLY A 156 23.46 -31.30 11.06
C GLY A 156 23.67 -31.91 12.43
N TYR A 157 23.02 -33.05 12.68
CA TYR A 157 23.16 -33.71 13.98
C TYR A 157 24.61 -34.01 14.32
N GLY A 158 25.44 -34.32 13.33
CA GLY A 158 26.84 -34.58 13.56
C GLY A 158 27.22 -36.02 13.74
N TYR A 159 26.24 -36.93 13.87
CA TYR A 159 26.59 -38.35 13.86
C TYR A 159 27.19 -38.75 12.53
N ARG A 160 26.84 -38.05 11.47
CA ARG A 160 27.48 -38.17 10.16
C ARG A 160 27.90 -36.77 9.73
N VAL A 161 29.20 -36.61 9.46
CA VAL A 161 29.78 -35.29 9.22
C VAL A 161 30.76 -35.39 8.05
N ILE A 162 31.05 -34.24 7.45
CA ILE A 162 31.92 -34.20 6.28
C ILE A 162 33.38 -34.13 6.72
N THR A 163 34.23 -34.94 6.10
CA THR A 163 35.65 -34.92 6.40
C THR A 163 36.35 -33.83 5.60
N ASP A 164 37.36 -33.21 6.21
CA ASP A 164 38.05 -32.10 5.56
C ASP A 164 38.77 -32.55 4.30
N LYS A 165 39.48 -33.68 4.36
CA LYS A 165 40.33 -34.11 3.24
C LYS A 165 39.54 -34.78 2.13
N CYS A 166 38.61 -34.04 1.51
CA CYS A 166 37.88 -34.51 0.33
C CYS A 166 37.29 -33.30 -0.35
N PRO A 167 38.09 -32.56 -1.14
CA PRO A 167 37.62 -31.27 -1.66
C PRO A 167 36.32 -31.35 -2.44
N GLU A 168 36.08 -32.45 -3.17
CA GLU A 168 34.82 -32.59 -3.90
C GLU A 168 33.63 -32.48 -2.96
N GLY A 169 33.69 -33.16 -1.82
CA GLY A 169 32.63 -33.04 -0.84
C GLY A 169 32.45 -31.62 -0.34
N ILE A 170 33.55 -30.89 -0.17
CA ILE A 170 33.47 -29.51 0.31
C ILE A 170 32.74 -28.64 -0.70
N ILE A 171 33.13 -28.73 -1.97
CA ILE A 171 32.48 -27.91 -2.99
C ILE A 171 31.01 -28.29 -3.09
N LEU A 172 30.72 -29.60 -3.01
CA LEU A 172 29.33 -30.06 -3.07
C LEU A 172 28.51 -29.48 -1.93
N LEU A 173 29.06 -29.50 -0.71
CA LEU A 173 28.38 -28.93 0.43
C LEU A 173 28.14 -27.43 0.22
N LEU A 174 29.13 -26.73 -0.31
CA LEU A 174 28.97 -25.31 -0.57
C LEU A 174 27.79 -25.06 -1.50
N ILE A 175 27.76 -25.77 -2.63
CA ILE A 175 26.69 -25.53 -3.59
C ILE A 175 25.35 -25.89 -2.98
N GLN A 176 25.28 -27.00 -2.24
CA GLN A 176 24.01 -27.42 -1.65
C GLN A 176 23.50 -26.40 -0.66
N SER A 177 24.38 -25.89 0.20
CA SER A 177 23.95 -24.91 1.19
C SER A 177 23.47 -23.63 0.51
N VAL A 178 24.19 -23.18 -0.52
CA VAL A 178 23.78 -21.96 -1.21
C VAL A 178 22.41 -22.16 -1.87
N LEU A 179 22.22 -23.33 -2.49
CA LEU A 179 20.94 -23.60 -3.16
C LEU A 179 19.80 -23.67 -2.15
N GLY A 180 20.05 -24.28 -0.99
CA GLY A 180 19.02 -24.31 0.04
C GLY A 180 18.66 -22.93 0.54
N SER A 181 19.66 -22.08 0.77
CA SER A 181 19.38 -20.70 1.15
C SER A 181 18.57 -20.01 0.07
N ILE A 182 18.92 -20.25 -1.20
CA ILE A 182 18.22 -19.60 -2.31
C ILE A 182 16.76 -20.02 -2.33
N VAL A 183 16.49 -21.32 -2.18
CA VAL A 183 15.11 -21.78 -2.25
C VAL A 183 14.30 -21.25 -1.07
N ASN A 184 14.90 -21.24 0.13
CA ASN A 184 14.20 -20.69 1.28
C ASN A 184 13.87 -19.21 1.06
N ALA A 185 14.84 -18.44 0.58
CA ALA A 185 14.62 -17.02 0.33
C ALA A 185 13.55 -16.82 -0.74
N PHE A 186 13.57 -17.65 -1.78
CA PHE A 186 12.57 -17.52 -2.84
C PHE A 186 11.18 -17.79 -2.31
N MET A 187 11.02 -18.81 -1.47
CA MET A 187 9.72 -19.07 -0.87
C MET A 187 9.27 -17.89 0.00
N VAL A 188 10.20 -17.36 0.81
CA VAL A 188 9.84 -16.25 1.69
C VAL A 188 9.42 -15.04 0.85
N GLY A 189 10.13 -14.79 -0.25
CA GLY A 189 9.76 -13.67 -1.11
C GLY A 189 8.41 -13.86 -1.77
N CYS A 190 8.11 -15.09 -2.20
CA CYS A 190 6.80 -15.36 -2.76
C CYS A 190 5.70 -15.10 -1.73
N MET A 191 5.90 -15.56 -0.50
CA MET A 191 4.92 -15.30 0.54
C MET A 191 4.78 -13.80 0.78
N PHE A 192 5.91 -13.08 0.82
CA PHE A 192 5.86 -11.64 1.07
C PHE A 192 5.07 -10.92 -0.01
N VAL A 193 5.33 -11.25 -1.28
CA VAL A 193 4.63 -10.57 -2.37
C VAL A 193 3.15 -10.93 -2.36
N LYS A 194 2.82 -12.19 -2.04
CA LYS A 194 1.43 -12.59 -2.04
C LYS A 194 0.66 -11.94 -0.89
N ILE A 195 1.34 -11.64 0.21
CA ILE A 195 0.65 -10.99 1.32
C ILE A 195 0.61 -9.47 1.14
N SER A 196 1.58 -8.92 0.39
CA SER A 196 1.71 -7.47 0.32
C SER A 196 0.82 -6.86 -0.74
N GLN A 197 0.46 -7.62 -1.77
CA GLN A 197 -0.24 -7.04 -2.90
C GLN A 197 -1.56 -6.42 -2.43
N PRO A 198 -1.85 -5.16 -2.80
CA PRO A 198 -3.06 -4.50 -2.28
C PRO A 198 -4.35 -5.02 -2.90
N LYS A 199 -5.48 -4.44 -2.47
CA LYS A 199 -6.80 -4.78 -3.01
C LYS A 199 -7.06 -6.29 -2.92
N LYS A 200 -7.03 -6.79 -1.69
CA LYS A 200 -7.37 -8.18 -1.45
C LYS A 200 -8.88 -8.34 -1.30
N ARG A 201 -9.42 -9.38 -1.90
CA ARG A 201 -10.87 -9.60 -1.89
C ARG A 201 -11.36 -9.66 -0.45
N ALA A 202 -12.44 -8.93 -0.16
CA ALA A 202 -12.98 -8.90 1.19
C ALA A 202 -13.95 -10.05 1.40
N GLU A 203 -13.97 -10.59 2.61
CA GLU A 203 -14.87 -11.69 2.96
C GLU A 203 -16.00 -11.26 3.88
N THR A 204 -15.72 -10.38 4.84
CA THR A 204 -16.73 -9.93 5.77
C THR A 204 -17.71 -8.94 5.16
N LEU A 205 -17.35 -8.33 4.04
CA LEU A 205 -18.13 -7.24 3.46
C LEU A 205 -19.18 -7.79 2.52
N VAL A 206 -20.43 -7.36 2.70
CA VAL A 206 -21.56 -7.90 1.97
C VAL A 206 -22.54 -6.78 1.65
N PHE A 207 -23.18 -6.90 0.49
CA PHE A 207 -24.23 -5.97 0.07
C PHE A 207 -25.58 -6.67 0.15
N SER A 208 -26.63 -5.87 0.35
CA SER A 208 -27.98 -6.41 0.41
C SER A 208 -28.30 -7.18 -0.86
N THR A 209 -28.86 -8.37 -0.69
CA THR A 209 -29.22 -9.20 -1.84
C THR A 209 -30.32 -8.59 -2.69
N HIS A 210 -30.88 -7.45 -2.29
CA HIS A 210 -31.83 -6.71 -3.11
C HIS A 210 -31.46 -5.24 -3.09
N ALA A 211 -31.82 -4.56 -4.18
CA ALA A 211 -31.81 -3.11 -4.24
C ALA A 211 -33.25 -2.63 -4.36
N VAL A 212 -33.54 -1.50 -3.74
CA VAL A 212 -34.92 -1.06 -3.58
C VAL A 212 -35.05 0.39 -4.03
N ILE A 213 -36.28 0.79 -4.34
CA ILE A 213 -36.62 2.14 -4.76
C ILE A 213 -37.77 2.65 -3.91
N SER A 214 -37.65 3.86 -3.39
CA SER A 214 -38.63 4.38 -2.45
C SER A 214 -38.63 5.90 -2.50
N MET A 215 -39.60 6.49 -1.81
CA MET A 215 -39.74 7.94 -1.71
C MET A 215 -38.94 8.45 -0.52
N ARG A 216 -38.41 9.67 -0.65
CA ARG A 216 -37.65 10.29 0.42
C ARG A 216 -37.73 11.81 0.27
N ASP A 217 -38.32 12.48 1.26
CA ASP A 217 -38.37 13.94 1.31
C ASP A 217 -38.91 14.51 0.00
N GLY A 218 -39.92 13.86 -0.56
CA GLY A 218 -40.49 14.28 -1.82
C GLY A 218 -39.68 13.90 -3.03
N LYS A 219 -38.51 13.29 -2.85
CA LYS A 219 -37.68 12.83 -3.95
C LYS A 219 -37.77 11.32 -4.06
N LEU A 220 -37.52 10.82 -5.27
CA LEU A 220 -37.52 9.39 -5.54
C LEU A 220 -36.08 8.90 -5.59
N CYS A 221 -35.76 7.91 -4.77
CA CYS A 221 -34.39 7.47 -4.56
C CYS A 221 -34.28 5.97 -4.72
N LEU A 222 -33.13 5.53 -5.25
CA LEU A 222 -32.75 4.13 -5.22
C LEU A 222 -31.72 3.93 -4.11
N MET A 223 -31.89 2.84 -3.37
CA MET A 223 -31.08 2.61 -2.18
C MET A 223 -30.79 1.13 -2.04
N PHE A 224 -29.56 0.81 -1.63
CA PHE A 224 -29.15 -0.56 -1.41
C PHE A 224 -28.21 -0.60 -0.21
N ARG A 225 -28.53 -1.48 0.74
CA ARG A 225 -27.82 -1.53 2.01
C ARG A 225 -26.44 -2.14 1.83
N VAL A 226 -25.47 -1.63 2.59
CA VAL A 226 -24.10 -2.11 2.55
C VAL A 226 -23.57 -2.13 3.98
N GLY A 227 -22.77 -3.15 4.31
CA GLY A 227 -22.20 -3.26 5.63
C GLY A 227 -21.31 -4.47 5.74
N ASP A 228 -20.61 -4.57 6.87
CA ASP A 228 -19.68 -5.66 7.13
C ASP A 228 -20.23 -6.54 8.24
N LEU A 229 -20.18 -7.86 8.03
CA LEU A 229 -20.73 -8.80 9.01
C LEU A 229 -19.93 -8.76 10.30
N ARG A 230 -18.61 -8.90 10.21
CA ARG A 230 -17.75 -8.77 11.39
C ARG A 230 -17.67 -7.30 11.77
N ASN A 231 -18.40 -6.91 12.80
CA ASN A 231 -18.58 -5.49 13.10
C ASN A 231 -17.24 -4.81 13.37
N SER A 232 -17.12 -3.57 12.87
CA SER A 232 -15.94 -2.74 13.12
C SER A 232 -14.67 -3.39 12.59
N HIS A 233 -14.81 -4.16 11.51
CA HIS A 233 -13.65 -4.74 10.84
C HIS A 233 -13.13 -3.83 9.73
N ILE A 234 -14.04 -3.31 8.90
CA ILE A 234 -13.71 -2.40 7.82
C ILE A 234 -14.48 -1.10 8.03
N VAL A 235 -13.78 0.03 7.95
CA VAL A 235 -14.38 1.34 8.07
C VAL A 235 -13.71 2.28 7.08
N GLU A 236 -14.39 3.39 6.80
CA GLU A 236 -13.90 4.39 5.86
C GLU A 236 -13.89 3.85 4.43
N ALA A 237 -14.92 3.10 4.06
CA ALA A 237 -15.01 2.58 2.71
C ALA A 237 -15.51 3.64 1.74
N SER A 238 -15.23 3.42 0.46
CA SER A 238 -15.68 4.29 -0.62
C SER A 238 -16.48 3.46 -1.61
N ILE A 239 -17.60 4.00 -2.07
CA ILE A 239 -18.55 3.26 -2.90
C ILE A 239 -18.75 3.97 -4.22
N ARG A 240 -18.89 3.18 -5.29
CA ARG A 240 -19.24 3.69 -6.60
C ARG A 240 -20.07 2.64 -7.32
N ALA A 241 -21.06 3.09 -8.09
CA ALA A 241 -22.02 2.19 -8.70
C ALA A 241 -22.18 2.53 -10.17
N LYS A 242 -22.29 1.50 -11.00
CA LYS A 242 -22.47 1.63 -12.44
C LYS A 242 -23.61 0.75 -12.90
N LEU A 243 -24.28 1.17 -13.96
CA LEU A 243 -25.31 0.34 -14.60
C LEU A 243 -24.89 0.07 -16.04
N ILE A 244 -25.25 -1.12 -16.52
CA ILE A 244 -24.76 -1.64 -17.79
C ILE A 244 -26.00 -1.96 -18.64
N LYS A 245 -26.42 -1.00 -19.46
CA LYS A 245 -27.65 -1.12 -20.21
C LYS A 245 -27.38 -0.79 -21.67
N SER A 246 -28.01 -1.55 -22.57
CA SER A 246 -27.88 -1.28 -24.00
C SER A 246 -28.84 -0.17 -24.41
N LYS A 247 -28.35 0.73 -25.27
CA LYS A 247 -29.14 1.87 -25.71
C LYS A 247 -28.91 2.10 -27.20
N GLN A 248 -29.92 2.68 -27.84
CA GLN A 248 -29.85 3.04 -29.25
C GLN A 248 -30.02 4.56 -29.38
N THR A 249 -29.07 5.19 -30.05
CA THR A 249 -29.11 6.63 -30.22
C THR A 249 -30.06 7.03 -31.35
N SER A 250 -30.47 8.30 -31.34
CA SER A 250 -31.36 8.80 -32.37
C SER A 250 -30.72 8.73 -33.75
N GLU A 251 -29.40 8.64 -33.82
CA GLU A 251 -28.68 8.56 -35.10
C GLU A 251 -28.62 7.15 -35.64
N GLY A 252 -29.18 6.17 -34.94
CA GLY A 252 -29.18 4.79 -35.37
C GLY A 252 -28.04 3.95 -34.83
N GLU A 253 -27.06 4.56 -34.18
CA GLU A 253 -25.97 3.80 -33.58
C GLU A 253 -26.48 3.03 -32.37
N PHE A 254 -26.15 1.74 -32.30
CA PHE A 254 -26.59 0.88 -31.23
C PHE A 254 -25.38 0.39 -30.44
N ILE A 255 -25.38 0.64 -29.15
CA ILE A 255 -24.30 0.23 -28.26
C ILE A 255 -24.73 -1.06 -27.56
N PRO A 256 -24.08 -2.20 -27.83
CA PRO A 256 -24.48 -3.43 -27.14
C PRO A 256 -24.32 -3.36 -25.64
N LEU A 257 -23.36 -2.59 -25.13
CA LEU A 257 -23.11 -2.50 -23.71
C LEU A 257 -22.62 -1.10 -23.35
N ASN A 258 -23.54 -0.24 -22.92
CA ASN A 258 -23.23 1.15 -22.61
C ASN A 258 -23.22 1.35 -21.11
N GLN A 259 -22.11 1.88 -20.59
CA GLN A 259 -21.93 2.06 -19.16
C GLN A 259 -22.20 3.50 -18.76
N THR A 260 -22.94 3.67 -17.67
CA THR A 260 -23.16 4.97 -17.07
C THR A 260 -22.94 4.86 -15.56
N ASP A 261 -22.34 5.89 -14.99
CA ASP A 261 -22.09 5.95 -13.56
C ASP A 261 -23.23 6.70 -12.89
N ILE A 262 -23.84 6.06 -11.89
CA ILE A 262 -24.97 6.62 -11.16
C ILE A 262 -24.44 7.35 -9.93
N ASN A 263 -24.86 8.60 -9.76
CA ASN A 263 -24.37 9.43 -8.67
C ASN A 263 -24.74 8.83 -7.32
N VAL A 264 -23.74 8.53 -6.49
CA VAL A 264 -23.97 8.11 -5.11
C VAL A 264 -23.22 9.06 -4.19
N GLY A 265 -23.03 10.30 -4.65
CA GLY A 265 -22.37 11.31 -3.86
C GLY A 265 -20.96 11.67 -4.29
N TYR A 266 -20.58 11.43 -5.55
CA TYR A 266 -19.22 11.74 -5.98
C TYR A 266 -18.96 13.24 -5.97
N TYR A 267 -19.93 14.05 -6.39
CA TYR A 267 -19.72 15.49 -6.44
C TYR A 267 -19.39 16.05 -5.06
N THR A 268 -20.22 15.73 -4.06
CA THR A 268 -20.06 16.33 -2.74
C THR A 268 -18.96 15.64 -1.93
N GLY A 269 -18.39 14.55 -2.46
CA GLY A 269 -17.48 13.73 -1.70
C GLY A 269 -18.17 12.80 -0.72
N ASP A 270 -19.50 12.76 -0.74
CA ASP A 270 -20.25 11.93 0.20
C ASP A 270 -20.06 10.44 -0.06
N ASP A 271 -19.52 10.06 -1.21
CA ASP A 271 -19.33 8.64 -1.51
C ASP A 271 -18.30 7.97 -0.61
N ARG A 272 -17.60 8.74 0.24
CA ARG A 272 -16.72 8.19 1.26
C ARG A 272 -17.53 8.04 2.54
N LEU A 273 -17.77 6.80 2.96
CA LEU A 273 -18.64 6.50 4.07
C LEU A 273 -17.86 5.84 5.20
N PHE A 274 -18.38 5.97 6.43
CA PHE A 274 -17.63 5.55 7.61
C PHE A 274 -17.92 4.11 7.99
N LEU A 275 -19.16 3.66 7.82
CA LEU A 275 -19.57 2.30 8.18
C LEU A 275 -19.37 2.02 9.66
N VAL A 276 -20.03 2.84 10.49
CA VAL A 276 -20.11 2.51 11.91
C VAL A 276 -20.95 1.26 12.12
N SER A 277 -21.99 1.10 11.31
CA SER A 277 -22.88 -0.05 11.38
C SER A 277 -23.43 -0.31 10.00
N PRO A 278 -24.14 -1.42 9.79
CA PRO A 278 -24.83 -1.63 8.51
C PRO A 278 -25.53 -0.36 8.05
N LEU A 279 -25.20 0.09 6.84
CA LEU A 279 -25.57 1.42 6.37
C LEU A 279 -26.34 1.32 5.06
N ILE A 280 -27.26 2.26 4.86
CA ILE A 280 -28.05 2.34 3.64
C ILE A 280 -27.44 3.40 2.74
N ILE A 281 -27.04 3.00 1.54
CA ILE A 281 -26.53 3.92 0.53
C ILE A 281 -27.69 4.26 -0.40
N SER A 282 -27.79 5.55 -0.76
CA SER A 282 -28.91 6.02 -1.55
C SER A 282 -28.41 6.84 -2.74
N HIS A 283 -29.04 6.61 -3.89
CA HIS A 283 -28.84 7.40 -5.09
C HIS A 283 -30.12 8.15 -5.41
N GLU A 284 -29.99 9.42 -5.77
CA GLU A 284 -31.14 10.27 -6.03
C GLU A 284 -31.47 10.25 -7.52
N ILE A 285 -32.73 9.97 -7.84
CA ILE A 285 -33.18 9.94 -9.23
C ILE A 285 -33.57 11.34 -9.65
N ASN A 286 -32.60 12.09 -10.17
CA ASN A 286 -32.81 13.46 -10.62
C ASN A 286 -32.73 13.54 -12.13
N GLN A 287 -32.73 14.76 -12.65
CA GLN A 287 -32.65 14.97 -14.10
C GLN A 287 -31.49 14.19 -14.71
N GLN A 288 -30.34 14.16 -14.04
CA GLN A 288 -29.18 13.46 -14.57
C GLN A 288 -29.26 11.96 -14.42
N SER A 289 -30.00 11.45 -13.44
CA SER A 289 -29.96 10.03 -13.13
C SER A 289 -30.50 9.21 -14.31
N PRO A 290 -29.85 8.11 -14.67
CA PRO A 290 -30.37 7.29 -15.77
C PRO A 290 -31.78 6.77 -15.54
N PHE A 291 -32.13 6.44 -14.30
CA PHE A 291 -33.47 5.94 -14.01
C PHE A 291 -34.54 7.01 -14.16
N TRP A 292 -34.15 8.23 -14.53
CA TRP A 292 -35.09 9.34 -14.60
C TRP A 292 -36.30 9.02 -15.47
N GLU A 293 -36.18 8.04 -16.37
CA GLU A 293 -37.24 7.80 -17.34
C GLU A 293 -38.19 6.69 -16.88
N ILE A 294 -37.66 5.65 -16.26
CA ILE A 294 -38.40 4.40 -16.09
C ILE A 294 -39.52 4.58 -15.07
N SER A 295 -40.64 3.91 -15.33
CA SER A 295 -41.75 3.84 -14.41
C SER A 295 -41.77 2.48 -13.71
N LYS A 296 -42.81 2.27 -12.89
CA LYS A 296 -42.94 1.00 -12.19
C LYS A 296 -43.10 -0.16 -13.18
N ALA A 297 -43.95 0.01 -14.19
CA ALA A 297 -44.18 -1.06 -15.15
C ALA A 297 -42.96 -1.29 -16.04
N GLN A 298 -42.21 -0.24 -16.35
CA GLN A 298 -41.07 -0.39 -17.26
C GLN A 298 -39.90 -1.10 -16.60
N LEU A 299 -39.78 -0.98 -15.28
CA LEU A 299 -38.62 -1.55 -14.60
C LEU A 299 -38.43 -3.04 -14.89
N PRO A 300 -39.45 -3.90 -14.76
CA PRO A 300 -39.24 -5.31 -15.13
C PRO A 300 -38.89 -5.50 -16.59
N LYS A 301 -39.41 -4.64 -17.48
CA LYS A 301 -39.23 -4.85 -18.91
C LYS A 301 -37.83 -4.42 -19.37
N GLU A 302 -37.29 -3.35 -18.79
CA GLU A 302 -36.11 -2.70 -19.35
C GLU A 302 -34.89 -3.61 -19.39
N GLU A 303 -34.82 -4.64 -18.54
CA GLU A 303 -33.70 -5.57 -18.53
C GLU A 303 -32.36 -4.87 -18.25
N LEU A 304 -32.40 -3.76 -17.51
CA LEU A 304 -31.17 -3.09 -17.14
C LEU A 304 -30.43 -3.88 -16.08
N GLU A 305 -29.17 -3.51 -15.85
CA GLU A 305 -28.33 -4.19 -14.88
C GLU A 305 -27.49 -3.14 -14.15
N ILE A 306 -27.06 -3.50 -12.94
CA ILE A 306 -26.24 -2.62 -12.11
C ILE A 306 -25.08 -3.41 -11.56
N VAL A 307 -24.00 -2.70 -11.24
CA VAL A 307 -22.90 -3.25 -10.46
C VAL A 307 -22.58 -2.26 -9.35
N VAL A 308 -22.04 -2.77 -8.26
CA VAL A 308 -21.60 -1.95 -7.14
C VAL A 308 -20.18 -2.38 -6.78
N ILE A 309 -19.28 -1.42 -6.67
CA ILE A 309 -17.89 -1.68 -6.36
C ILE A 309 -17.51 -0.81 -5.17
N LEU A 310 -16.91 -1.43 -4.16
CA LEU A 310 -16.63 -0.77 -2.90
C LEU A 310 -15.17 -1.05 -2.51
N GLU A 311 -14.49 -0.01 -2.05
CA GLU A 311 -13.11 -0.12 -1.60
C GLU A 311 -13.01 0.42 -0.18
N GLY A 312 -12.28 -0.27 0.67
CA GLY A 312 -12.11 0.15 2.05
C GLY A 312 -10.80 -0.37 2.60
N MET A 313 -10.45 0.10 3.79
CA MET A 313 -9.22 -0.30 4.46
C MET A 313 -9.54 -1.19 5.65
N VAL A 314 -8.73 -2.24 5.82
CA VAL A 314 -8.87 -3.13 6.96
C VAL A 314 -8.19 -2.46 8.15
N GLU A 315 -9.00 -2.01 9.11
CA GLU A 315 -8.45 -1.24 10.22
C GLU A 315 -7.46 -2.04 11.04
N ALA A 316 -7.64 -3.36 11.11
CA ALA A 316 -6.74 -4.19 11.91
C ALA A 316 -5.31 -4.17 11.38
N THR A 317 -5.11 -3.95 10.09
CA THR A 317 -3.78 -3.97 9.50
C THR A 317 -3.45 -2.76 8.64
N GLY A 318 -4.44 -1.94 8.26
CA GLY A 318 -4.19 -0.81 7.39
C GLY A 318 -4.16 -1.14 5.91
N MET A 319 -4.30 -2.41 5.54
CA MET A 319 -4.34 -2.79 4.14
C MET A 319 -5.68 -2.40 3.54
N THR A 320 -5.77 -2.55 2.21
CA THR A 320 -6.97 -2.20 1.46
C THR A 320 -7.61 -3.46 0.91
N CYS A 321 -8.93 -3.55 1.02
CA CYS A 321 -9.70 -4.67 0.51
C CYS A 321 -10.84 -4.16 -0.35
N GLN A 322 -11.29 -5.00 -1.27
CA GLN A 322 -12.29 -4.62 -2.26
C GLN A 322 -13.42 -5.64 -2.27
N ALA A 323 -14.61 -5.18 -2.64
CA ALA A 323 -15.77 -6.04 -2.80
C ALA A 323 -16.62 -5.52 -3.94
N ARG A 324 -17.48 -6.38 -4.47
CA ARG A 324 -18.37 -6.00 -5.56
C ARG A 324 -19.65 -6.82 -5.48
N SER A 325 -20.63 -6.43 -6.28
CA SER A 325 -21.89 -7.14 -6.38
C SER A 325 -22.66 -6.59 -7.56
N SER A 326 -23.80 -7.22 -7.86
CA SER A 326 -24.61 -6.83 -9.00
C SER A 326 -26.09 -6.80 -8.62
N TYR A 327 -26.89 -6.17 -9.48
CA TYR A 327 -28.33 -6.15 -9.36
C TYR A 327 -28.94 -6.27 -10.74
N ILE A 328 -30.06 -6.96 -10.83
CA ILE A 328 -30.75 -7.20 -12.09
C ILE A 328 -32.20 -6.76 -11.93
N THR A 329 -32.89 -6.58 -13.05
CA THR A 329 -34.24 -6.04 -13.01
C THR A 329 -35.15 -6.87 -12.10
N SER A 330 -34.87 -8.17 -11.99
CA SER A 330 -35.65 -9.00 -11.06
C SER A 330 -35.33 -8.70 -9.61
N GLU A 331 -34.15 -8.15 -9.33
CA GLU A 331 -33.72 -7.87 -7.96
C GLU A 331 -33.92 -6.42 -7.54
N ILE A 332 -34.36 -5.56 -8.45
CA ILE A 332 -34.60 -4.15 -8.13
C ILE A 332 -36.10 -4.00 -7.88
N LEU A 333 -36.48 -4.05 -6.61
CA LEU A 333 -37.88 -3.97 -6.21
C LEU A 333 -38.34 -2.52 -6.18
N TRP A 334 -39.61 -2.31 -6.48
CA TRP A 334 -40.19 -0.98 -6.55
C TRP A 334 -41.18 -0.78 -5.40
N GLY A 335 -41.17 0.42 -4.82
CA GLY A 335 -42.11 0.75 -3.75
C GLY A 335 -41.90 -0.05 -2.49
N TYR A 336 -40.64 -0.22 -2.09
CA TYR A 336 -40.30 -0.95 -0.89
C TYR A 336 -39.22 -0.18 -0.13
N ARG A 337 -39.08 -0.49 1.15
CA ARG A 337 -38.05 0.14 1.99
C ARG A 337 -37.41 -0.90 2.88
N PHE A 338 -36.10 -0.75 3.11
CA PHE A 338 -35.39 -1.64 4.02
C PHE A 338 -35.94 -1.50 5.44
N THR A 339 -36.02 -2.62 6.14
CA THR A 339 -36.36 -2.57 7.55
C THR A 339 -35.12 -2.17 8.36
N PRO A 340 -35.30 -1.47 9.48
CA PRO A 340 -34.13 -1.03 10.25
C PRO A 340 -33.28 -2.21 10.70
N VAL A 341 -31.96 -2.02 10.65
CA VAL A 341 -31.03 -3.04 11.13
C VAL A 341 -30.47 -2.71 12.51
N LEU A 342 -30.58 -1.46 12.95
CA LEU A 342 -30.00 -1.01 14.20
C LEU A 342 -31.12 -0.60 15.15
N THR A 343 -31.12 -1.19 16.34
CA THR A 343 -32.10 -0.87 17.38
C THR A 343 -31.40 -0.16 18.53
N LEU A 344 -31.89 1.03 18.87
CA LEU A 344 -31.29 1.86 19.90
C LEU A 344 -31.87 1.52 21.26
N GLU A 345 -31.01 1.47 22.27
CA GLU A 345 -31.41 1.16 23.63
C GLU A 345 -30.63 2.04 24.59
N ASP A 346 -31.11 2.09 25.84
CA ASP A 346 -30.49 2.95 26.86
C ASP A 346 -29.07 2.48 27.16
N GLY A 347 -28.07 3.24 26.71
CA GLY A 347 -26.68 2.92 26.96
C GLY A 347 -26.08 1.90 26.03
N PHE A 348 -26.85 1.35 25.09
CA PHE A 348 -26.34 0.35 24.16
C PHE A 348 -27.25 0.26 22.95
N TYR A 349 -26.70 -0.25 21.86
CA TYR A 349 -27.43 -0.48 20.62
C TYR A 349 -27.21 -1.92 20.19
N GLU A 350 -28.23 -2.50 19.55
CA GLU A 350 -28.19 -3.89 19.11
C GLU A 350 -28.46 -3.97 17.62
N VAL A 351 -27.69 -4.79 16.92
CA VAL A 351 -27.79 -4.96 15.48
C VAL A 351 -28.08 -6.43 15.21
N ASP A 352 -29.32 -6.73 14.85
CA ASP A 352 -29.72 -8.11 14.50
C ASP A 352 -29.44 -8.29 13.01
N TYR A 353 -28.28 -8.89 12.71
CA TYR A 353 -27.83 -8.97 11.33
C TYR A 353 -28.76 -9.82 10.47
N ASN A 354 -29.57 -10.68 11.09
CA ASN A 354 -30.46 -11.53 10.30
C ASN A 354 -31.44 -10.70 9.48
N SER A 355 -31.76 -9.49 9.94
CA SER A 355 -32.66 -8.62 9.18
C SER A 355 -31.89 -7.76 8.19
N PHE A 356 -30.56 -7.87 8.18
CA PHE A 356 -29.73 -7.06 7.29
C PHE A 356 -30.13 -7.21 5.82
N HIS A 357 -30.21 -8.45 5.35
CA HIS A 357 -30.31 -8.72 3.92
C HIS A 357 -31.63 -8.28 3.31
N GLU A 358 -32.76 -8.51 3.97
CA GLU A 358 -34.05 -8.49 3.29
C GLU A 358 -35.11 -7.99 4.27
N THR A 359 -36.37 -8.27 3.93
CA THR A 359 -37.54 -7.80 4.68
C THR A 359 -37.84 -6.35 4.27
N TYR A 360 -39.04 -6.10 3.75
CA TYR A 360 -39.36 -4.81 3.18
C TYR A 360 -40.85 -4.52 3.32
N GLU A 361 -41.19 -3.24 3.25
CA GLU A 361 -42.58 -2.80 3.27
C GLU A 361 -42.58 -1.31 2.98
N THR A 362 -43.56 -0.87 2.17
CA THR A 362 -43.65 0.53 1.82
C THR A 362 -44.87 0.75 0.93
N SER A 363 -45.23 2.03 0.77
CA SER A 363 -46.25 2.46 -0.17
C SER A 363 -45.73 3.68 -0.90
N THR A 364 -45.52 3.55 -2.21
CA THR A 364 -44.92 4.61 -3.01
C THR A 364 -45.70 4.72 -4.31
N PRO A 365 -45.62 5.86 -4.98
CA PRO A 365 -46.36 6.02 -6.25
C PRO A 365 -45.80 5.15 -7.35
N SER A 366 -46.68 4.77 -8.27
CA SER A 366 -46.27 4.02 -9.45
C SER A 366 -45.80 4.93 -10.58
N LEU A 367 -45.84 6.24 -10.37
CA LEU A 367 -45.49 7.18 -11.43
C LEU A 367 -43.98 7.18 -11.66
N SER A 368 -43.59 7.44 -12.91
CA SER A 368 -42.18 7.58 -13.24
C SER A 368 -41.62 8.84 -12.58
N ALA A 369 -40.31 8.83 -12.34
CA ALA A 369 -39.68 9.95 -11.66
C ALA A 369 -39.91 11.25 -12.43
N LYS A 370 -39.70 11.24 -13.74
CA LYS A 370 -39.87 12.46 -14.53
C LYS A 370 -41.32 12.93 -14.49
N GLU A 371 -42.26 12.03 -14.72
CA GLU A 371 -43.66 12.42 -14.69
C GLU A 371 -44.13 12.76 -13.29
N LEU A 372 -43.54 12.13 -12.26
CA LEU A 372 -43.84 12.54 -10.89
C LEU A 372 -43.40 13.97 -10.64
N ALA A 373 -42.20 14.33 -11.09
CA ALA A 373 -41.73 15.70 -10.94
C ALA A 373 -42.61 16.66 -11.74
N GLU A 374 -43.05 16.24 -12.93
CA GLU A 374 -43.94 17.08 -13.72
C GLU A 374 -45.27 17.32 -12.99
N LEU A 375 -45.81 16.27 -12.37
CA LEU A 375 -47.04 16.43 -11.59
C LEU A 375 -46.82 17.36 -10.41
N ALA A 376 -45.68 17.23 -9.74
CA ALA A 376 -45.38 18.14 -8.63
C ALA A 376 -45.31 19.58 -9.11
N ASN A 377 -44.66 19.81 -10.25
CA ASN A 377 -44.58 21.16 -10.80
C ASN A 377 -45.97 21.68 -11.16
N ARG A 378 -46.81 20.84 -11.76
CA ARG A 378 -48.16 21.27 -12.10
C ARG A 378 -48.95 21.64 -10.85
N ALA A 379 -48.82 20.84 -9.79
CA ALA A 379 -49.49 21.18 -8.54
C ALA A 379 -48.97 22.49 -7.97
N GLU A 380 -47.65 22.71 -8.04
CA GLU A 380 -47.08 23.96 -7.54
C GLU A 380 -47.56 25.15 -8.35
N SER A 381 -47.65 25.02 -9.68
CA SER A 381 -48.09 26.10 -10.54
C SER A 381 -49.50 26.55 -10.15
N ILE B 55 -27.28 -15.15 -18.78
CA ILE B 55 -26.49 -14.22 -19.64
C ILE B 55 -25.58 -13.37 -18.76
N GLN B 56 -26.02 -13.10 -17.54
CA GLN B 56 -25.20 -12.35 -16.60
C GLN B 56 -23.89 -13.07 -16.34
N ARG B 57 -22.78 -12.33 -16.43
CA ARG B 57 -21.48 -12.82 -16.02
C ARG B 57 -20.78 -11.73 -15.21
N TYR B 58 -21.55 -11.10 -14.33
CA TYR B 58 -21.06 -10.01 -13.49
C TYR B 58 -21.45 -10.25 -12.02
N VAL B 59 -21.45 -11.50 -11.58
CA VAL B 59 -22.12 -11.94 -10.35
C VAL B 59 -21.26 -11.62 -9.14
N ARG B 60 -21.84 -11.85 -7.96
CA ARG B 60 -21.44 -11.23 -6.69
C ARG B 60 -19.95 -11.00 -6.49
N LYS B 61 -19.09 -11.94 -6.86
CA LYS B 61 -17.68 -11.78 -6.49
C LYS B 61 -16.72 -11.85 -7.67
N ASP B 62 -16.98 -12.72 -8.64
CA ASP B 62 -15.96 -13.10 -9.62
C ASP B 62 -16.11 -12.40 -10.97
N GLY B 63 -17.20 -11.67 -11.19
CA GLY B 63 -17.36 -11.00 -12.47
C GLY B 63 -17.34 -11.95 -13.65
N LYS B 64 -18.01 -13.10 -13.53
CA LYS B 64 -18.04 -14.08 -14.60
C LYS B 64 -19.37 -14.83 -14.59
N THR B 75 -5.93 -24.48 -13.53
CA THR B 75 -4.99 -23.96 -14.52
C THR B 75 -3.83 -23.24 -13.85
N TYR B 76 -3.82 -23.25 -12.51
CA TYR B 76 -2.73 -22.59 -11.77
C TYR B 76 -1.38 -23.24 -12.09
N ARG B 77 -1.39 -24.54 -12.38
CA ARG B 77 -0.13 -25.24 -12.66
C ARG B 77 0.56 -24.70 -13.90
N TYR B 78 -0.19 -24.39 -14.96
CA TYR B 78 0.42 -23.87 -16.17
C TYR B 78 1.06 -22.51 -15.92
N LEU B 79 0.38 -21.62 -15.19
CA LEU B 79 0.95 -20.33 -14.87
C LEU B 79 2.19 -20.50 -13.99
N THR B 80 2.13 -21.42 -13.03
CA THR B 80 3.29 -21.69 -12.18
C THR B 80 4.47 -22.16 -13.02
N ASP B 81 4.21 -23.03 -14.01
CA ASP B 81 5.30 -23.53 -14.85
C ASP B 81 5.88 -22.43 -15.73
N ILE B 82 5.02 -21.56 -16.28
CA ILE B 82 5.53 -20.46 -17.10
C ILE B 82 6.39 -19.53 -16.27
N PHE B 83 5.90 -19.15 -15.08
CA PHE B 83 6.70 -18.35 -14.17
C PHE B 83 7.98 -19.09 -13.80
N THR B 84 7.91 -20.41 -13.69
CA THR B 84 9.10 -21.20 -13.38
C THR B 84 10.14 -21.11 -14.47
N THR B 85 9.72 -21.13 -15.75
CA THR B 85 10.69 -21.02 -16.83
C THR B 85 11.31 -19.62 -16.88
N LEU B 86 10.47 -18.60 -16.76
CA LEU B 86 11.00 -17.23 -16.73
C LEU B 86 11.99 -17.06 -15.58
N VAL B 87 11.58 -17.46 -14.38
CA VAL B 87 12.47 -17.39 -13.23
C VAL B 87 13.64 -18.32 -13.41
N ASP B 88 13.52 -19.33 -14.28
CA ASP B 88 14.64 -20.21 -14.54
C ASP B 88 15.76 -19.46 -15.24
N LEU B 89 15.44 -18.76 -16.31
CA LEU B 89 16.45 -17.96 -16.98
C LEU B 89 17.16 -17.03 -16.00
N LYS B 90 16.38 -16.31 -15.20
CA LYS B 90 16.97 -15.32 -14.28
C LYS B 90 18.07 -15.90 -13.42
N TRP B 91 17.73 -16.91 -12.62
CA TRP B 91 18.70 -17.49 -11.70
C TRP B 91 19.82 -18.15 -12.48
N PHE B 92 19.51 -18.61 -13.69
CA PHE B 92 20.50 -19.27 -14.51
C PHE B 92 21.75 -18.40 -14.59
N PHE B 93 21.56 -17.10 -14.45
CA PHE B 93 22.71 -16.19 -14.45
C PHE B 93 22.81 -15.38 -13.17
N ASN B 94 21.84 -15.57 -12.27
CA ASN B 94 21.81 -14.79 -11.03
C ASN B 94 22.42 -15.53 -9.87
N LEU B 95 21.82 -16.66 -9.46
CA LEU B 95 22.39 -17.46 -8.39
C LEU B 95 23.88 -17.28 -8.44
N LEU B 96 24.42 -17.36 -9.64
CA LEU B 96 25.87 -17.16 -9.82
C LEU B 96 26.40 -16.11 -8.85
N ILE B 97 25.78 -14.93 -8.82
CA ILE B 97 26.25 -13.86 -7.94
C ILE B 97 26.06 -14.25 -6.48
N PHE B 98 24.99 -14.97 -6.18
CA PHE B 98 24.69 -15.28 -4.78
C PHE B 98 25.72 -16.23 -4.23
N VAL B 99 26.09 -17.24 -5.02
CA VAL B 99 27.23 -18.10 -4.70
C VAL B 99 28.48 -17.27 -4.52
N MET B 100 28.69 -16.30 -5.41
CA MET B 100 29.87 -15.45 -5.28
C MET B 100 29.94 -14.80 -3.90
N VAL B 101 28.84 -14.17 -3.48
CA VAL B 101 28.86 -13.45 -2.21
C VAL B 101 29.04 -14.41 -1.04
N TYR B 102 28.29 -15.53 -1.04
CA TYR B 102 28.42 -16.47 0.06
C TYR B 102 29.84 -17.02 0.15
N THR B 103 30.42 -17.41 -0.98
CA THR B 103 31.73 -18.02 -0.94
C THR B 103 32.81 -17.01 -0.56
N VAL B 104 32.68 -15.75 -1.00
CA VAL B 104 33.67 -14.77 -0.59
C VAL B 104 33.61 -14.55 0.91
N THR B 105 32.40 -14.44 1.47
CA THR B 105 32.28 -14.30 2.93
C THR B 105 32.92 -15.49 3.63
N TRP B 106 32.58 -16.71 3.20
CA TRP B 106 33.08 -17.90 3.86
C TRP B 106 34.59 -18.02 3.76
N LEU B 107 35.16 -17.75 2.59
CA LEU B 107 36.61 -17.83 2.44
C LEU B 107 37.31 -16.81 3.33
N PHE B 108 36.81 -15.58 3.35
CA PHE B 108 37.42 -14.57 4.21
C PHE B 108 37.40 -15.02 5.66
N PHE B 109 36.26 -15.53 6.13
CA PHE B 109 36.15 -15.83 7.55
C PHE B 109 36.91 -17.11 7.90
N GLY B 110 36.98 -18.08 7.00
CA GLY B 110 37.86 -19.21 7.23
C GLY B 110 39.31 -18.78 7.30
N MET B 111 39.71 -17.83 6.45
CA MET B 111 41.07 -17.31 6.52
C MET B 111 41.32 -16.70 7.90
N ILE B 112 40.37 -15.91 8.41
CA ILE B 112 40.60 -15.27 9.70
C ILE B 112 40.59 -16.30 10.83
N TRP B 113 39.78 -17.35 10.71
CA TRP B 113 39.82 -18.42 11.71
C TRP B 113 41.18 -19.10 11.72
N TRP B 114 41.73 -19.39 10.54
CA TRP B 114 43.08 -19.94 10.48
C TRP B 114 44.10 -18.98 11.06
N LEU B 115 43.93 -17.67 10.81
CA LEU B 115 44.85 -16.68 11.37
C LEU B 115 44.81 -16.67 12.90
N ILE B 116 43.62 -16.73 13.49
CA ILE B 116 43.53 -16.74 14.95
C ILE B 116 44.13 -18.02 15.50
N ALA B 117 43.88 -19.15 14.82
CA ALA B 117 44.49 -20.40 15.26
C ALA B 117 46.02 -20.31 15.20
N TYR B 118 46.56 -19.69 14.15
CA TYR B 118 48.00 -19.55 14.02
C TYR B 118 48.57 -18.66 15.10
N ILE B 119 47.96 -17.49 15.32
CA ILE B 119 48.48 -16.55 16.31
C ILE B 119 48.43 -17.19 17.70
N ARG B 120 47.33 -17.86 18.04
CA ARG B 120 47.27 -18.56 19.31
C ARG B 120 48.30 -19.69 19.37
N GLY B 121 48.77 -20.15 18.22
CA GLY B 121 49.75 -21.22 18.17
C GLY B 121 49.17 -22.61 18.33
N ASP B 122 47.88 -22.80 18.04
CA ASP B 122 47.28 -24.13 18.20
C ASP B 122 47.95 -25.15 17.31
N MET B 123 48.20 -24.78 16.04
CA MET B 123 48.81 -25.73 15.11
C MET B 123 50.20 -26.15 15.56
N ASP B 124 50.94 -25.25 16.21
CA ASP B 124 52.25 -25.62 16.71
C ASP B 124 52.16 -26.78 17.68
N HIS B 125 51.22 -26.72 18.62
CA HIS B 125 50.98 -27.87 19.49
C HIS B 125 50.38 -29.03 18.71
N ILE B 126 49.44 -28.74 17.81
CA ILE B 126 48.85 -29.74 16.92
C ILE B 126 48.35 -30.94 17.74
N GLU B 127 49.15 -32.01 17.76
CA GLU B 127 48.71 -33.26 18.36
C GLU B 127 48.96 -33.32 19.87
N ASP B 128 49.49 -32.26 20.48
CA ASP B 128 49.76 -32.28 21.91
C ASP B 128 48.46 -32.50 22.68
N PRO B 129 48.37 -33.53 23.53
CA PRO B 129 47.11 -33.77 24.24
C PRO B 129 46.83 -32.76 25.34
N SER B 130 47.87 -32.17 25.94
CA SER B 130 47.67 -31.21 27.03
C SER B 130 47.11 -29.88 26.53
N TRP B 131 47.18 -29.61 25.23
CA TRP B 131 46.72 -28.34 24.70
C TRP B 131 45.21 -28.34 24.51
N THR B 132 44.63 -27.13 24.52
CA THR B 132 43.19 -26.94 24.36
C THR B 132 42.98 -25.90 23.26
N PRO B 133 43.02 -26.32 21.99
CA PRO B 133 42.93 -25.35 20.89
C PRO B 133 41.67 -24.49 20.95
N CYS B 134 41.73 -23.32 20.30
CA CYS B 134 40.56 -22.44 20.25
C CYS B 134 39.39 -23.14 19.58
N VAL B 135 39.63 -23.78 18.44
CA VAL B 135 38.62 -24.55 17.73
C VAL B 135 39.17 -25.96 17.57
N THR B 136 38.49 -26.93 18.16
CA THR B 136 39.00 -28.30 18.17
C THR B 136 39.07 -28.86 16.75
N ASN B 137 40.15 -29.59 16.49
CA ASN B 137 40.35 -30.33 15.24
C ASN B 137 40.57 -29.42 14.03
N LEU B 138 41.09 -28.21 14.25
CA LEU B 138 41.56 -27.40 13.13
C LEU B 138 43.01 -27.73 12.83
N ASN B 139 43.29 -28.09 11.58
CA ASN B 139 44.62 -28.56 11.19
C ASN B 139 45.19 -27.86 9.98
N GLY B 140 44.42 -27.05 9.27
CA GLY B 140 44.91 -26.41 8.07
C GLY B 140 43.90 -25.42 7.52
N PHE B 141 44.24 -24.92 6.33
CA PHE B 141 43.40 -23.91 5.70
C PHE B 141 42.02 -24.45 5.37
N VAL B 142 41.96 -25.64 4.78
CA VAL B 142 40.69 -26.20 4.35
C VAL B 142 39.80 -26.51 5.56
N SER B 143 40.39 -27.01 6.64
CA SER B 143 39.61 -27.28 7.83
C SER B 143 39.05 -26.00 8.41
N ALA B 144 39.84 -24.93 8.43
CA ALA B 144 39.35 -23.65 8.93
C ALA B 144 38.20 -23.13 8.07
N PHE B 145 38.34 -23.24 6.75
CA PHE B 145 37.25 -22.79 5.87
C PHE B 145 36.00 -23.63 6.10
N LEU B 146 36.18 -24.94 6.32
CA LEU B 146 35.05 -25.80 6.59
C LEU B 146 34.33 -25.40 7.87
N PHE B 147 35.10 -25.08 8.92
CA PHE B 147 34.48 -24.61 10.14
C PHE B 147 33.77 -23.30 9.91
N SER B 148 34.33 -22.44 9.06
CA SER B 148 33.69 -21.16 8.77
C SER B 148 32.34 -21.36 8.10
N ILE B 149 32.27 -22.23 7.09
CA ILE B 149 30.98 -22.48 6.45
C ILE B 149 30.02 -23.16 7.40
N GLU B 150 30.53 -24.03 8.29
CA GLU B 150 29.65 -24.67 9.26
C GLU B 150 29.01 -23.64 10.18
N THR B 151 29.82 -22.75 10.75
CA THR B 151 29.31 -21.82 11.74
C THR B 151 28.46 -20.73 11.09
N GLU B 152 28.93 -20.17 9.98
CA GLU B 152 28.23 -19.04 9.36
C GLU B 152 26.84 -19.44 8.90
N THR B 153 26.70 -20.60 8.27
CA THR B 153 25.42 -21.04 7.73
C THR B 153 24.53 -21.73 8.76
N THR B 154 24.99 -21.83 10.01
CA THR B 154 24.19 -22.38 11.11
C THR B 154 23.97 -23.87 10.99
N ILE B 155 24.98 -24.61 10.52
CA ILE B 155 24.90 -26.07 10.50
C ILE B 155 25.58 -26.61 11.75
N GLY B 156 26.88 -26.34 11.89
CA GLY B 156 27.60 -26.71 13.09
C GLY B 156 27.52 -28.19 13.43
N TYR B 157 28.12 -29.05 12.60
CA TYR B 157 28.10 -30.47 12.88
C TYR B 157 28.68 -30.80 14.25
N GLY B 158 29.78 -30.16 14.63
CA GLY B 158 30.34 -30.33 15.94
C GLY B 158 31.58 -31.19 16.03
N TYR B 159 31.95 -31.89 14.95
CA TYR B 159 33.22 -32.61 14.97
C TYR B 159 34.38 -31.63 15.13
N ARG B 160 34.19 -30.39 14.70
CA ARG B 160 35.09 -29.28 15.00
C ARG B 160 34.28 -28.21 15.70
N VAL B 161 34.57 -27.99 16.99
CA VAL B 161 33.74 -27.14 17.83
C VAL B 161 34.63 -26.12 18.53
N ILE B 162 34.04 -24.99 18.88
CA ILE B 162 34.77 -23.92 19.56
C ILE B 162 34.76 -24.19 21.06
N THR B 163 35.93 -24.08 21.68
CA THR B 163 36.06 -24.23 23.12
C THR B 163 35.91 -22.88 23.81
N ASP B 164 35.85 -22.94 25.14
CA ASP B 164 35.59 -21.73 25.93
C ASP B 164 36.85 -20.97 26.29
N LYS B 165 38.03 -21.48 25.94
CA LYS B 165 39.28 -20.93 26.45
C LYS B 165 39.93 -19.97 25.45
N CYS B 166 39.11 -19.24 24.69
CA CYS B 166 39.62 -18.24 23.75
C CYS B 166 38.56 -17.15 23.57
N PRO B 167 38.66 -16.06 24.32
CA PRO B 167 37.66 -14.98 24.17
C PRO B 167 37.58 -14.42 22.76
N GLU B 168 38.71 -14.32 22.05
CA GLU B 168 38.66 -13.86 20.67
C GLU B 168 37.76 -14.76 19.84
N GLY B 169 37.77 -16.06 20.12
CA GLY B 169 36.86 -16.95 19.44
C GLY B 169 35.40 -16.60 19.69
N ILE B 170 35.08 -16.25 20.94
CA ILE B 170 33.71 -15.87 21.26
C ILE B 170 33.32 -14.60 20.51
N ILE B 171 34.22 -13.62 20.49
CA ILE B 171 33.93 -12.37 19.79
C ILE B 171 33.68 -12.64 18.31
N LEU B 172 34.55 -13.46 17.70
CA LEU B 172 34.40 -13.74 16.29
C LEU B 172 33.13 -14.54 16.02
N LEU B 173 32.74 -15.41 16.95
CA LEU B 173 31.49 -16.15 16.79
C LEU B 173 30.30 -15.21 16.81
N LEU B 174 30.31 -14.23 17.72
CA LEU B 174 29.23 -13.24 17.74
C LEU B 174 29.17 -12.49 16.41
N ILE B 175 30.33 -12.02 15.94
CA ILE B 175 30.36 -11.31 14.66
C ILE B 175 29.85 -12.21 13.54
N GLN B 176 30.22 -13.49 13.57
CA GLN B 176 29.80 -14.42 12.53
C GLN B 176 28.29 -14.58 12.52
N SER B 177 27.70 -14.85 13.68
CA SER B 177 26.25 -15.05 13.72
C SER B 177 25.52 -13.80 13.27
N VAL B 178 25.93 -12.63 13.76
CA VAL B 178 25.22 -11.41 13.41
C VAL B 178 25.34 -11.12 11.92
N LEU B 179 26.54 -11.27 11.35
CA LEU B 179 26.72 -10.99 9.93
C LEU B 179 26.00 -12.02 9.08
N GLY B 180 25.95 -13.28 9.52
CA GLY B 180 25.20 -14.28 8.79
C GLY B 180 23.72 -13.95 8.75
N SER B 181 23.16 -13.54 9.90
CA SER B 181 21.75 -13.13 9.90
C SER B 181 21.52 -11.93 8.99
N ILE B 182 22.43 -10.95 9.03
CA ILE B 182 22.27 -9.76 8.21
C ILE B 182 22.30 -10.12 6.72
N VAL B 183 23.27 -10.95 6.32
CA VAL B 183 23.39 -11.31 4.91
C VAL B 183 22.21 -12.18 4.49
N ASN B 184 21.69 -13.02 5.38
CA ASN B 184 20.51 -13.82 5.04
C ASN B 184 19.31 -12.91 4.82
N ALA B 185 19.14 -11.90 5.66
CA ALA B 185 18.05 -10.95 5.45
C ALA B 185 18.21 -10.21 4.12
N PHE B 186 19.45 -9.79 3.80
CA PHE B 186 19.68 -9.11 2.54
C PHE B 186 19.40 -10.04 1.35
N MET B 187 19.74 -11.32 1.51
CA MET B 187 19.37 -12.34 0.52
C MET B 187 17.87 -12.37 0.31
N VAL B 188 17.11 -12.46 1.39
CA VAL B 188 15.66 -12.56 1.27
C VAL B 188 15.11 -11.34 0.57
N GLY B 189 15.62 -10.16 0.94
CA GLY B 189 15.17 -8.94 0.29
C GLY B 189 15.48 -8.91 -1.19
N CYS B 190 16.68 -9.35 -1.57
CA CYS B 190 17.04 -9.38 -2.98
C CYS B 190 16.18 -10.36 -3.75
N MET B 191 15.92 -11.53 -3.17
CA MET B 191 15.03 -12.50 -3.82
C MET B 191 13.64 -11.93 -3.99
N PHE B 192 13.14 -11.23 -2.97
CA PHE B 192 11.83 -10.60 -3.08
C PHE B 192 11.82 -9.58 -4.21
N VAL B 193 12.86 -8.75 -4.29
CA VAL B 193 12.90 -7.73 -5.33
C VAL B 193 12.89 -8.37 -6.70
N LYS B 194 13.70 -9.42 -6.89
CA LYS B 194 13.75 -10.07 -8.19
C LYS B 194 12.43 -10.73 -8.56
N ILE B 195 11.76 -11.40 -7.61
CA ILE B 195 10.47 -12.00 -7.94
C ILE B 195 9.41 -10.93 -8.16
N SER B 196 9.60 -9.74 -7.58
CA SER B 196 8.58 -8.71 -7.68
C SER B 196 8.33 -8.30 -9.13
N GLN B 197 9.40 -8.09 -9.90
CA GLN B 197 9.34 -7.63 -11.28
C GLN B 197 8.36 -6.46 -11.39
N PRO B 198 8.70 -5.29 -10.82
CA PRO B 198 7.74 -4.19 -10.78
C PRO B 198 7.61 -3.47 -12.12
N LYS B 199 7.25 -4.20 -13.16
CA LYS B 199 6.98 -3.59 -14.45
C LYS B 199 5.53 -3.11 -14.50
N LYS B 200 5.35 -1.82 -14.78
CA LYS B 200 4.01 -1.23 -14.76
C LYS B 200 3.25 -1.44 -16.06
N ARG B 201 3.95 -1.64 -17.18
CA ARG B 201 3.27 -1.75 -18.46
C ARG B 201 2.46 -3.04 -18.53
N ALA B 202 1.33 -2.99 -19.23
CA ALA B 202 0.48 -4.15 -19.41
C ALA B 202 0.49 -4.58 -20.88
N GLU B 203 0.69 -5.88 -21.11
CA GLU B 203 0.70 -6.40 -22.47
C GLU B 203 -0.65 -6.21 -23.15
N THR B 204 -1.75 -6.44 -22.42
CA THR B 204 -3.09 -6.25 -22.94
C THR B 204 -3.50 -4.79 -22.76
N LEU B 205 -4.79 -4.49 -22.92
CA LEU B 205 -5.32 -3.13 -22.92
C LEU B 205 -4.91 -2.40 -24.19
N VAL B 206 -5.10 -3.08 -25.33
CA VAL B 206 -4.79 -2.48 -26.61
C VAL B 206 -5.80 -1.38 -26.92
N PHE B 207 -5.30 -0.23 -27.36
CA PHE B 207 -6.15 0.86 -27.80
C PHE B 207 -6.44 0.75 -29.28
N SER B 208 -7.58 1.28 -29.69
CA SER B 208 -7.94 1.26 -31.09
C SER B 208 -6.87 1.97 -31.91
N THR B 209 -6.48 1.36 -33.03
CA THR B 209 -5.48 1.94 -33.91
C THR B 209 -5.99 3.16 -34.64
N HIS B 210 -7.22 3.59 -34.37
CA HIS B 210 -7.75 4.85 -34.89
C HIS B 210 -8.66 5.47 -33.84
N ALA B 211 -8.62 6.79 -33.76
CA ALA B 211 -9.63 7.57 -33.05
C ALA B 211 -10.60 8.13 -34.08
N VAL B 212 -11.86 8.25 -33.68
CA VAL B 212 -12.93 8.57 -34.62
C VAL B 212 -13.76 9.72 -34.07
N ILE B 213 -14.37 10.46 -35.00
CA ILE B 213 -15.32 11.52 -34.67
C ILE B 213 -16.64 11.19 -35.35
N SER B 214 -17.72 11.22 -34.59
CA SER B 214 -19.01 10.75 -35.10
C SER B 214 -20.12 11.62 -34.52
N MET B 215 -21.34 11.36 -34.99
CA MET B 215 -22.52 12.11 -34.58
C MET B 215 -23.40 11.23 -33.69
N ARG B 216 -23.72 11.74 -32.50
CA ARG B 216 -24.56 11.00 -31.57
C ARG B 216 -25.53 11.96 -30.89
N ASP B 217 -26.82 11.58 -30.90
CA ASP B 217 -27.88 12.35 -30.25
C ASP B 217 -27.67 13.86 -30.40
N GLY B 218 -27.58 14.32 -31.64
CA GLY B 218 -27.47 15.74 -31.90
C GLY B 218 -26.21 16.40 -31.40
N LYS B 219 -25.19 15.62 -31.03
CA LYS B 219 -23.92 16.15 -30.56
C LYS B 219 -22.78 15.40 -31.21
N LEU B 220 -21.70 16.12 -31.51
CA LEU B 220 -20.49 15.54 -32.05
C LEU B 220 -19.63 15.02 -30.90
N CYS B 221 -18.95 13.90 -31.13
CA CYS B 221 -18.12 13.29 -30.11
C CYS B 221 -16.91 12.63 -30.76
N LEU B 222 -15.78 12.71 -30.06
CA LEU B 222 -14.59 11.96 -30.44
C LEU B 222 -14.52 10.71 -29.58
N MET B 223 -14.17 9.58 -30.20
CA MET B 223 -14.23 8.30 -29.52
C MET B 223 -13.08 7.42 -29.96
N PHE B 224 -12.68 6.52 -29.07
CA PHE B 224 -11.60 5.58 -29.34
C PHE B 224 -11.80 4.35 -28.47
N ARG B 225 -11.80 3.18 -29.11
CA ARG B 225 -12.07 1.93 -28.42
C ARG B 225 -10.91 1.57 -27.51
N VAL B 226 -11.23 0.80 -26.47
CA VAL B 226 -10.23 0.35 -25.51
C VAL B 226 -10.77 -0.88 -24.79
N GLY B 227 -9.87 -1.78 -24.42
CA GLY B 227 -10.27 -2.98 -23.71
C GLY B 227 -9.15 -3.99 -23.69
N ASP B 228 -9.39 -5.06 -22.93
CA ASP B 228 -8.42 -6.14 -22.82
C ASP B 228 -8.78 -7.27 -23.79
N LEU B 229 -7.88 -8.26 -23.86
CA LEU B 229 -8.06 -9.38 -24.78
C LEU B 229 -8.52 -10.66 -24.09
N ARG B 230 -8.03 -10.94 -22.89
CA ARG B 230 -8.41 -12.14 -22.17
C ARG B 230 -9.64 -11.95 -21.29
N ASN B 231 -10.13 -10.72 -21.15
CA ASN B 231 -11.30 -10.42 -20.32
C ASN B 231 -11.05 -10.78 -18.85
N SER B 232 -9.78 -11.04 -18.51
CA SER B 232 -9.43 -11.41 -17.14
C SER B 232 -8.26 -10.58 -16.63
N HIS B 233 -7.41 -10.10 -17.55
CA HIS B 233 -6.24 -9.34 -17.16
C HIS B 233 -6.59 -7.97 -16.57
N ILE B 234 -7.81 -7.49 -16.81
CA ILE B 234 -8.24 -6.18 -16.31
C ILE B 234 -9.75 -6.15 -16.25
N VAL B 235 -10.28 -5.61 -15.15
CA VAL B 235 -11.72 -5.49 -14.97
C VAL B 235 -12.07 -4.05 -14.61
N GLU B 236 -11.13 -3.31 -14.04
CA GLU B 236 -11.33 -1.94 -13.61
C GLU B 236 -10.20 -1.07 -14.14
N ALA B 237 -10.55 0.13 -14.59
CA ALA B 237 -9.55 1.03 -15.17
C ALA B 237 -10.06 2.45 -15.11
N SER B 238 -9.12 3.38 -14.97
CA SER B 238 -9.38 4.81 -15.05
C SER B 238 -8.67 5.37 -16.27
N ILE B 239 -9.32 6.31 -16.96
CA ILE B 239 -8.82 6.83 -18.23
C ILE B 239 -8.60 8.33 -18.13
N ARG B 240 -7.52 8.80 -18.75
CA ARG B 240 -7.21 10.21 -18.89
C ARG B 240 -6.80 10.47 -20.33
N ALA B 241 -7.06 11.67 -20.82
CA ALA B 241 -6.77 12.02 -22.20
C ALA B 241 -6.34 13.48 -22.28
N LYS B 242 -5.18 13.71 -22.89
CA LYS B 242 -4.61 15.04 -23.00
C LYS B 242 -4.28 15.35 -24.44
N LEU B 243 -4.74 16.50 -24.93
CA LEU B 243 -4.43 16.97 -26.27
C LEU B 243 -3.34 18.02 -26.19
N ILE B 244 -2.27 17.82 -26.94
CA ILE B 244 -1.09 18.69 -26.90
C ILE B 244 -0.83 19.22 -28.30
N LYS B 245 -0.85 20.54 -28.46
CA LYS B 245 -0.62 21.17 -29.74
C LYS B 245 -0.09 22.58 -29.50
N SER B 246 0.58 23.13 -30.52
CA SER B 246 1.06 24.50 -30.44
C SER B 246 -0.13 25.47 -30.42
N LYS B 247 0.07 26.60 -29.76
CA LYS B 247 -0.96 27.63 -29.66
C LYS B 247 -0.33 28.99 -29.93
N GLN B 248 -1.09 29.88 -30.55
CA GLN B 248 -0.66 31.25 -30.82
C GLN B 248 -1.62 32.17 -30.06
N THR B 249 -1.22 32.54 -28.85
CA THR B 249 -2.07 33.37 -28.01
C THR B 249 -2.25 34.75 -28.65
N SER B 250 -3.41 35.35 -28.38
CA SER B 250 -3.72 36.65 -28.99
C SER B 250 -2.73 37.72 -28.59
N GLU B 251 -2.08 37.59 -27.44
CA GLU B 251 -1.14 38.59 -26.96
C GLU B 251 0.28 38.35 -27.47
N GLY B 252 0.45 37.49 -28.48
CA GLY B 252 1.75 37.22 -29.04
C GLY B 252 2.59 36.21 -28.29
N GLU B 253 2.06 35.63 -27.22
CA GLU B 253 2.82 34.67 -26.41
C GLU B 253 2.69 33.29 -27.06
N PHE B 254 3.59 33.01 -27.99
CA PHE B 254 3.59 31.72 -28.65
C PHE B 254 4.02 30.62 -27.68
N ILE B 255 3.34 29.48 -27.76
CA ILE B 255 3.65 28.32 -26.94
C ILE B 255 3.98 27.16 -27.89
N PRO B 256 5.15 26.54 -27.79
CA PRO B 256 5.47 25.45 -28.72
C PRO B 256 4.51 24.29 -28.62
N LEU B 257 4.23 23.80 -27.41
CA LEU B 257 3.25 22.73 -27.21
C LEU B 257 2.44 23.08 -25.98
N ASN B 258 1.14 23.29 -26.18
CA ASN B 258 0.22 23.66 -25.11
C ASN B 258 -0.72 22.49 -24.84
N GLN B 259 -0.64 21.94 -23.63
CA GLN B 259 -1.43 20.79 -23.25
C GLN B 259 -2.83 21.22 -22.83
N THR B 260 -3.76 20.28 -22.90
CA THR B 260 -5.12 20.49 -22.46
C THR B 260 -5.75 19.13 -22.17
N ASP B 261 -6.66 19.09 -21.21
CA ASP B 261 -7.34 17.86 -20.83
C ASP B 261 -8.72 17.83 -21.47
N ILE B 262 -8.98 16.78 -22.24
CA ILE B 262 -10.28 16.60 -22.90
C ILE B 262 -11.17 15.76 -21.99
N ASN B 263 -12.36 16.28 -21.69
CA ASN B 263 -13.24 15.70 -20.69
C ASN B 263 -13.78 14.36 -21.18
N VAL B 264 -13.23 13.28 -20.63
CA VAL B 264 -13.75 11.94 -20.87
C VAL B 264 -14.63 11.53 -19.69
N GLY B 265 -14.95 12.49 -18.82
CA GLY B 265 -15.88 12.24 -17.74
C GLY B 265 -15.33 12.47 -16.35
N TYR B 266 -14.30 13.32 -16.23
CA TYR B 266 -13.75 13.60 -14.91
C TYR B 266 -14.77 14.29 -14.02
N TYR B 267 -15.55 15.21 -14.59
CA TYR B 267 -16.54 15.94 -13.79
C TYR B 267 -17.52 15.00 -13.11
N THR B 268 -18.11 14.07 -13.87
CA THR B 268 -19.22 13.28 -13.40
C THR B 268 -18.84 11.87 -12.92
N GLY B 269 -17.55 11.52 -12.93
CA GLY B 269 -17.12 10.22 -12.48
C GLY B 269 -17.17 9.13 -13.53
N ASP B 270 -17.66 9.42 -14.74
CA ASP B 270 -17.69 8.43 -15.80
C ASP B 270 -16.30 7.97 -16.21
N ASP B 271 -15.26 8.74 -15.88
CA ASP B 271 -13.90 8.41 -16.31
C ASP B 271 -13.36 7.14 -15.68
N ARG B 272 -14.09 6.54 -14.75
CA ARG B 272 -13.77 5.23 -14.21
C ARG B 272 -14.56 4.19 -15.00
N LEU B 273 -13.89 3.10 -15.36
CA LEU B 273 -14.45 2.12 -16.29
C LEU B 273 -14.60 0.76 -15.62
N PHE B 274 -15.50 -0.05 -16.18
CA PHE B 274 -15.69 -1.44 -15.82
C PHE B 274 -15.57 -2.24 -17.12
N LEU B 275 -14.36 -2.69 -17.43
CA LEU B 275 -14.07 -3.28 -18.73
C LEU B 275 -14.42 -4.77 -18.75
N VAL B 276 -15.73 -5.02 -18.81
CA VAL B 276 -16.20 -6.39 -19.05
C VAL B 276 -15.99 -6.78 -20.51
N SER B 277 -15.87 -5.80 -21.40
CA SER B 277 -15.69 -6.06 -22.82
C SER B 277 -15.15 -4.78 -23.45
N PRO B 278 -14.71 -4.83 -24.70
CA PRO B 278 -14.18 -3.62 -25.34
C PRO B 278 -15.20 -2.49 -25.30
N LEU B 279 -14.76 -1.33 -24.82
CA LEU B 279 -15.59 -0.14 -24.72
C LEU B 279 -15.16 0.87 -25.78
N ILE B 280 -16.10 1.74 -26.15
CA ILE B 280 -15.80 2.94 -26.91
C ILE B 280 -16.07 4.13 -26.00
N ILE B 281 -15.01 4.87 -25.68
CA ILE B 281 -15.09 6.00 -24.76
C ILE B 281 -15.25 7.27 -25.58
N SER B 282 -16.26 8.06 -25.25
CA SER B 282 -16.64 9.21 -26.05
C SER B 282 -16.45 10.49 -25.25
N HIS B 283 -15.71 11.43 -25.82
CA HIS B 283 -15.59 12.78 -25.30
C HIS B 283 -16.53 13.68 -26.08
N GLU B 284 -17.46 14.30 -25.38
CA GLU B 284 -18.48 15.15 -26.01
C GLU B 284 -17.86 16.49 -26.34
N ILE B 285 -18.02 16.93 -27.59
CA ILE B 285 -17.46 18.19 -28.04
C ILE B 285 -18.44 19.30 -27.69
N ASN B 286 -18.33 19.83 -26.47
CA ASN B 286 -19.17 20.92 -26.03
C ASN B 286 -18.45 22.25 -26.24
N GLN B 287 -19.00 23.32 -25.65
CA GLN B 287 -18.46 24.65 -25.85
C GLN B 287 -17.23 24.91 -24.99
N GLN B 288 -16.66 23.85 -24.41
CA GLN B 288 -15.50 24.00 -23.52
C GLN B 288 -14.45 22.93 -23.78
N SER B 289 -14.32 22.47 -25.02
CA SER B 289 -13.36 21.42 -25.37
C SER B 289 -12.51 21.87 -26.54
N PRO B 290 -11.29 21.33 -26.66
CA PRO B 290 -10.39 21.82 -27.73
C PRO B 290 -10.96 21.68 -29.13
N PHE B 291 -11.68 20.59 -29.41
CA PHE B 291 -12.18 20.37 -30.76
C PHE B 291 -13.39 21.24 -31.08
N TRP B 292 -13.82 22.09 -30.15
CA TRP B 292 -15.03 22.86 -30.33
C TRP B 292 -14.98 23.70 -31.61
N GLU B 293 -13.79 24.14 -32.00
CA GLU B 293 -13.68 25.09 -33.11
C GLU B 293 -13.36 24.40 -34.43
N ILE B 294 -12.78 23.21 -34.39
CA ILE B 294 -12.30 22.56 -35.61
C ILE B 294 -13.46 21.95 -36.38
N SER B 295 -13.24 21.69 -37.67
CA SER B 295 -14.23 21.08 -38.54
C SER B 295 -13.55 19.99 -39.36
N LYS B 296 -14.32 19.42 -40.29
CA LYS B 296 -13.76 18.39 -41.17
C LYS B 296 -12.62 18.95 -42.01
N ALA B 297 -12.80 20.14 -42.58
CA ALA B 297 -11.75 20.73 -43.40
C ALA B 297 -10.53 21.09 -42.57
N GLN B 298 -10.74 21.59 -41.35
CA GLN B 298 -9.60 22.01 -40.53
C GLN B 298 -8.79 20.84 -40.04
N LEU B 299 -9.43 19.72 -39.70
CA LEU B 299 -8.71 18.63 -39.05
C LEU B 299 -7.48 18.18 -39.82
N PRO B 300 -7.52 17.99 -41.14
CA PRO B 300 -6.26 17.77 -41.87
C PRO B 300 -5.26 18.89 -41.70
N LYS B 301 -5.72 20.13 -41.63
CA LYS B 301 -4.82 21.27 -41.54
C LYS B 301 -4.14 21.33 -40.17
N GLU B 302 -4.92 21.19 -39.11
CA GLU B 302 -4.43 21.42 -37.75
C GLU B 302 -3.60 20.22 -37.29
N GLU B 303 -2.28 20.32 -37.43
CA GLU B 303 -1.40 19.30 -36.90
C GLU B 303 -1.51 19.28 -35.38
N LEU B 304 -1.85 18.12 -34.83
CA LEU B 304 -2.04 17.99 -33.39
C LEU B 304 -1.82 16.53 -33.00
N GLU B 305 -1.66 16.31 -31.70
CA GLU B 305 -1.48 14.98 -31.14
C GLU B 305 -2.40 14.80 -29.93
N ILE B 306 -2.79 13.56 -29.69
CA ILE B 306 -3.60 13.21 -28.53
C ILE B 306 -2.88 12.08 -27.79
N VAL B 307 -2.93 12.13 -26.46
CA VAL B 307 -2.36 11.11 -25.61
C VAL B 307 -3.44 10.57 -24.70
N VAL B 308 -3.52 9.25 -24.59
CA VAL B 308 -4.49 8.58 -23.73
C VAL B 308 -3.74 7.70 -22.76
N ILE B 309 -4.04 7.85 -21.47
CA ILE B 309 -3.41 7.07 -20.42
C ILE B 309 -4.51 6.31 -19.67
N LEU B 310 -4.33 5.00 -19.56
CA LEU B 310 -5.29 4.13 -18.89
C LEU B 310 -4.55 3.31 -17.85
N GLU B 311 -4.95 3.45 -16.58
CA GLU B 311 -4.34 2.73 -15.48
C GLU B 311 -5.38 1.81 -14.86
N GLY B 312 -5.05 0.51 -14.80
CA GLY B 312 -5.93 -0.46 -14.17
C GLY B 312 -5.55 -0.71 -12.74
N MET B 313 -6.41 -0.32 -11.80
CA MET B 313 -6.09 -0.44 -10.39
C MET B 313 -5.68 -1.86 -10.02
N VAL B 314 -6.34 -2.86 -10.61
CA VAL B 314 -6.05 -4.25 -10.32
C VAL B 314 -6.09 -5.03 -11.63
N GLU B 315 -5.14 -5.96 -11.80
CA GLU B 315 -5.21 -6.90 -12.92
C GLU B 315 -6.04 -8.11 -12.49
N ALA B 316 -7.23 -7.84 -11.92
CA ALA B 316 -8.13 -8.88 -11.44
C ALA B 316 -7.53 -9.69 -10.31
N THR B 317 -6.37 -9.26 -9.79
CA THR B 317 -5.74 -9.94 -8.67
C THR B 317 -5.23 -9.00 -7.58
N GLY B 318 -4.96 -7.74 -7.90
CA GLY B 318 -4.54 -6.78 -6.88
C GLY B 318 -3.43 -5.85 -7.30
N MET B 319 -2.77 -6.14 -8.41
CA MET B 319 -1.62 -5.37 -8.86
C MET B 319 -2.05 -4.33 -9.89
N THR B 320 -1.57 -3.11 -9.72
CA THR B 320 -1.88 -2.03 -10.64
C THR B 320 -1.00 -2.11 -11.89
N CYS B 321 -1.60 -1.86 -13.05
CA CYS B 321 -0.88 -1.83 -14.30
C CYS B 321 -1.35 -0.61 -15.09
N GLN B 322 -0.49 -0.16 -16.00
CA GLN B 322 -0.71 1.10 -16.72
C GLN B 322 -0.41 0.91 -18.19
N ALA B 323 -1.15 1.64 -19.04
CA ALA B 323 -0.95 1.61 -20.47
C ALA B 323 -0.90 3.04 -21.00
N ARG B 324 -0.65 3.17 -22.30
CA ARG B 324 -0.55 4.49 -22.92
C ARG B 324 -0.53 4.33 -24.43
N SER B 325 -1.08 5.33 -25.12
CA SER B 325 -1.09 5.35 -26.58
C SER B 325 -1.42 6.77 -27.02
N SER B 326 -1.44 6.99 -28.33
CA SER B 326 -1.63 8.32 -28.87
C SER B 326 -2.48 8.28 -30.13
N TYR B 327 -2.71 9.46 -30.70
CA TYR B 327 -3.39 9.64 -31.96
C TYR B 327 -2.85 10.89 -32.63
N ILE B 328 -2.96 10.96 -33.95
CA ILE B 328 -2.38 12.04 -34.73
C ILE B 328 -3.42 12.53 -35.72
N THR B 329 -3.18 13.72 -36.27
CA THR B 329 -4.13 14.36 -37.17
C THR B 329 -4.55 13.42 -38.30
N SER B 330 -3.61 12.65 -38.84
CA SER B 330 -3.93 11.69 -39.88
C SER B 330 -4.53 10.40 -39.33
N GLU B 331 -4.40 10.15 -38.03
CA GLU B 331 -4.94 8.96 -37.40
C GLU B 331 -6.34 9.18 -36.83
N ILE B 332 -6.87 10.39 -36.92
CA ILE B 332 -8.23 10.68 -36.48
C ILE B 332 -9.11 10.77 -37.72
N LEU B 333 -10.16 9.96 -37.76
CA LEU B 333 -11.04 9.86 -38.91
C LEU B 333 -12.34 10.60 -38.61
N TRP B 334 -12.77 11.46 -39.52
CA TRP B 334 -13.96 12.27 -39.35
C TRP B 334 -15.14 11.60 -40.03
N GLY B 335 -16.30 11.64 -39.37
CA GLY B 335 -17.50 11.04 -39.93
C GLY B 335 -17.44 9.55 -40.09
N TYR B 336 -16.88 8.84 -39.11
CA TYR B 336 -16.77 7.39 -39.15
C TYR B 336 -17.35 6.82 -37.86
N ARG B 337 -17.61 5.51 -37.87
CA ARG B 337 -18.20 4.84 -36.72
C ARG B 337 -17.50 3.52 -36.48
N PHE B 338 -17.44 3.13 -35.22
CA PHE B 338 -16.81 1.88 -34.81
C PHE B 338 -17.72 0.71 -35.11
N THR B 339 -17.11 -0.41 -35.50
CA THR B 339 -17.88 -1.64 -35.70
C THR B 339 -18.15 -2.30 -34.34
N PRO B 340 -19.40 -2.66 -34.04
CA PRO B 340 -19.68 -3.27 -32.73
C PRO B 340 -18.98 -4.62 -32.60
N VAL B 341 -18.11 -4.74 -31.60
CA VAL B 341 -17.38 -5.99 -31.39
C VAL B 341 -18.29 -7.08 -30.84
N LEU B 342 -19.39 -6.71 -30.20
CA LEU B 342 -20.30 -7.65 -29.56
C LEU B 342 -21.65 -7.65 -30.26
N THR B 343 -22.12 -8.83 -30.62
CA THR B 343 -23.47 -9.02 -31.14
C THR B 343 -24.18 -10.06 -30.28
N LEU B 344 -25.43 -9.79 -29.96
CA LEU B 344 -26.19 -10.56 -28.99
C LEU B 344 -27.13 -11.53 -29.69
N GLU B 345 -27.14 -12.77 -29.22
CA GLU B 345 -28.04 -13.80 -29.71
C GLU B 345 -28.75 -14.44 -28.52
N ASP B 346 -29.92 -15.03 -28.80
CA ASP B 346 -30.72 -15.63 -27.75
C ASP B 346 -29.92 -16.67 -26.96
N GLY B 347 -29.68 -16.38 -25.68
CA GLY B 347 -29.01 -17.31 -24.80
C GLY B 347 -27.51 -17.17 -24.72
N PHE B 348 -26.88 -16.48 -25.67
CA PHE B 348 -25.43 -16.32 -25.64
C PHE B 348 -25.03 -15.19 -26.57
N TYR B 349 -23.89 -14.58 -26.27
CA TYR B 349 -23.32 -13.50 -27.06
C TYR B 349 -22.16 -14.04 -27.90
N GLU B 350 -21.72 -13.22 -28.85
CA GLU B 350 -20.55 -13.53 -29.66
C GLU B 350 -19.65 -12.29 -29.75
N VAL B 351 -18.35 -12.50 -29.56
CA VAL B 351 -17.36 -11.43 -29.59
C VAL B 351 -16.30 -11.78 -30.61
N ASP B 352 -15.88 -10.77 -31.39
CA ASP B 352 -14.91 -10.96 -32.48
C ASP B 352 -13.86 -9.87 -32.36
N TYR B 353 -12.73 -10.20 -31.73
CA TYR B 353 -11.64 -9.23 -31.60
C TYR B 353 -11.03 -8.88 -32.95
N ASN B 354 -11.28 -9.70 -33.97
CA ASN B 354 -10.75 -9.38 -35.30
C ASN B 354 -11.30 -8.05 -35.81
N SER B 355 -12.51 -7.68 -35.38
CA SER B 355 -13.10 -6.42 -35.82
C SER B 355 -12.82 -5.29 -34.83
N PHE B 356 -12.01 -5.53 -33.82
CA PHE B 356 -11.68 -4.53 -32.80
C PHE B 356 -11.41 -3.16 -33.41
N HIS B 357 -10.50 -3.10 -34.39
CA HIS B 357 -10.12 -1.83 -34.98
C HIS B 357 -11.00 -1.41 -36.14
N GLU B 358 -11.73 -2.34 -36.74
CA GLU B 358 -12.45 -2.06 -37.98
C GLU B 358 -13.39 -0.87 -37.80
N THR B 359 -13.39 0.02 -38.78
CA THR B 359 -14.22 1.22 -38.77
C THR B 359 -14.94 1.35 -40.11
N TYR B 360 -16.16 1.88 -40.08
CA TYR B 360 -16.95 2.08 -41.28
C TYR B 360 -17.55 3.48 -41.29
N GLU B 361 -17.79 3.99 -42.49
CA GLU B 361 -18.19 5.37 -42.70
C GLU B 361 -19.68 5.53 -42.43
N THR B 362 -20.08 6.75 -42.08
CA THR B 362 -21.48 7.10 -41.84
C THR B 362 -21.69 8.57 -42.18
N SER B 363 -22.95 8.91 -42.44
CA SER B 363 -23.29 10.29 -42.74
C SER B 363 -23.10 11.17 -41.52
N THR B 364 -22.66 12.40 -41.75
CA THR B 364 -22.48 13.37 -40.68
C THR B 364 -22.31 14.75 -41.29
N PRO B 365 -22.73 15.81 -40.60
CA PRO B 365 -22.44 17.16 -41.10
C PRO B 365 -20.95 17.43 -41.15
N SER B 366 -20.55 18.22 -42.14
CA SER B 366 -19.16 18.66 -42.26
C SER B 366 -18.88 19.94 -41.47
N LEU B 367 -19.89 20.50 -40.82
CA LEU B 367 -19.72 21.75 -40.09
C LEU B 367 -18.91 21.51 -38.82
N SER B 368 -18.29 22.59 -38.33
CA SER B 368 -17.65 22.55 -37.03
C SER B 368 -18.70 22.37 -35.94
N ALA B 369 -18.29 21.75 -34.84
CA ALA B 369 -19.18 21.65 -33.69
C ALA B 369 -19.70 23.02 -33.29
N LYS B 370 -18.83 24.03 -33.31
CA LYS B 370 -19.27 25.39 -33.05
C LYS B 370 -20.26 25.87 -34.12
N GLU B 371 -19.93 25.63 -35.39
CA GLU B 371 -20.84 26.01 -36.47
C GLU B 371 -22.15 25.23 -36.38
N LEU B 372 -22.07 23.95 -36.05
CA LEU B 372 -23.28 23.13 -35.92
C LEU B 372 -24.17 23.66 -34.80
N ALA B 373 -23.57 24.00 -33.66
CA ALA B 373 -24.35 24.55 -32.55
C ALA B 373 -24.96 25.90 -32.92
N GLU B 374 -24.21 26.74 -33.61
CA GLU B 374 -24.75 28.03 -34.04
C GLU B 374 -25.92 27.83 -34.99
N LEU B 375 -25.80 26.90 -35.94
CA LEU B 375 -26.90 26.65 -36.86
C LEU B 375 -28.12 26.11 -36.13
N ALA B 376 -27.91 25.22 -35.16
CA ALA B 376 -29.03 24.70 -34.39
C ALA B 376 -29.72 25.80 -33.61
N ASN B 377 -28.95 26.68 -32.99
CA ASN B 377 -29.53 27.80 -32.25
C ASN B 377 -30.31 28.72 -33.18
N ARG B 378 -29.76 29.01 -34.36
CA ARG B 378 -30.46 29.85 -35.32
C ARG B 378 -31.77 29.21 -35.76
N ALA B 379 -31.75 27.89 -36.02
CA ALA B 379 -32.97 27.19 -36.38
C ALA B 379 -34.01 27.25 -35.26
N GLU B 380 -33.56 27.10 -34.00
CA GLU B 380 -34.48 27.21 -32.88
C GLU B 380 -35.11 28.59 -32.82
N SER B 381 -34.38 29.62 -33.23
CA SER B 381 -34.91 30.99 -33.22
C SER B 381 -36.06 31.12 -34.21
N ILE C 55 8.45 14.34 -35.72
CA ILE C 55 8.33 15.01 -34.39
C ILE C 55 6.99 14.65 -33.77
N GLN C 56 6.89 13.45 -33.24
CA GLN C 56 5.68 12.99 -32.58
C GLN C 56 6.04 12.45 -31.20
N ARG C 57 5.37 12.98 -30.19
CA ARG C 57 5.65 12.63 -28.79
C ARG C 57 4.83 11.44 -28.34
N TYR C 58 5.15 10.25 -28.85
CA TYR C 58 4.43 9.05 -28.45
C TYR C 58 5.17 7.81 -28.91
N VAL C 59 4.91 6.72 -28.21
CA VAL C 59 5.16 5.37 -28.68
C VAL C 59 3.92 4.56 -28.33
N ARG C 60 3.50 3.71 -29.27
CA ARG C 60 2.23 3.00 -29.13
C ARG C 60 2.05 2.41 -27.73
N LYS C 61 3.13 2.13 -27.01
CA LYS C 61 3.03 1.73 -25.61
C LYS C 61 4.15 2.37 -24.77
N ASP C 62 4.76 3.44 -25.26
CA ASP C 62 5.89 4.05 -24.58
C ASP C 62 6.02 5.50 -25.05
N GLY C 63 7.09 6.14 -24.57
CA GLY C 63 7.39 7.51 -24.96
C GLY C 63 8.26 7.58 -26.20
N LYS C 64 8.65 8.80 -26.54
CA LYS C 64 9.48 9.04 -27.71
C LYS C 64 10.46 10.18 -27.45
N ARG C 77 24.25 -3.15 -17.28
CA ARG C 77 23.93 -2.22 -16.20
C ARG C 77 23.32 -2.97 -15.00
N TYR C 78 23.28 -4.30 -15.09
CA TYR C 78 22.72 -5.09 -13.99
C TYR C 78 23.54 -4.91 -12.72
N LEU C 79 24.87 -4.87 -12.84
CA LEU C 79 25.70 -4.67 -11.64
C LEU C 79 25.43 -3.31 -11.01
N THR C 80 25.25 -2.27 -11.81
CA THR C 80 24.93 -0.95 -11.26
C THR C 80 23.59 -0.98 -10.55
N ASP C 81 22.59 -1.65 -11.13
CA ASP C 81 21.28 -1.75 -10.47
C ASP C 81 21.40 -2.50 -9.15
N ILE C 82 22.18 -3.58 -9.12
CA ILE C 82 22.35 -4.34 -7.88
C ILE C 82 23.03 -3.47 -6.83
N PHE C 83 24.06 -2.72 -7.23
CA PHE C 83 24.75 -1.84 -6.29
C PHE C 83 23.80 -0.78 -5.75
N THR C 84 22.97 -0.20 -6.61
CA THR C 84 22.00 0.80 -6.17
C THR C 84 21.01 0.20 -5.18
N THR C 85 20.54 -1.02 -5.47
CA THR C 85 19.63 -1.69 -4.54
C THR C 85 20.31 -1.94 -3.20
N LEU C 86 21.59 -2.31 -3.22
CA LEU C 86 22.32 -2.51 -1.97
C LEU C 86 22.59 -1.18 -1.26
N VAL C 87 22.30 -0.07 -1.93
CA VAL C 87 22.55 1.27 -1.37
C VAL C 87 21.42 1.69 -0.46
N ASP C 88 20.51 0.77 -0.14
CA ASP C 88 19.34 1.11 0.65
C ASP C 88 19.74 1.84 1.93
N LEU C 89 18.75 2.52 2.53
CA LEU C 89 19.02 3.45 3.63
C LEU C 89 19.68 2.78 4.83
N LYS C 90 19.55 1.47 4.99
CA LYS C 90 20.11 0.79 6.15
C LYS C 90 21.63 0.64 6.02
N TRP C 91 22.36 1.76 6.17
CA TRP C 91 23.79 1.74 5.88
C TRP C 91 24.60 1.22 7.07
N PHE C 92 24.66 1.99 8.16
CA PHE C 92 25.58 1.64 9.24
C PHE C 92 24.95 1.66 10.63
N PHE C 93 24.06 2.62 10.89
CA PHE C 93 23.51 2.74 12.24
C PHE C 93 22.61 1.56 12.57
N ASN C 94 21.81 1.11 11.60
CA ASN C 94 20.92 -0.01 11.82
C ASN C 94 21.70 -1.29 12.09
N LEU C 95 22.86 -1.44 11.43
CA LEU C 95 23.70 -2.61 11.69
C LEU C 95 24.18 -2.62 13.14
N LEU C 96 24.59 -1.46 13.65
CA LEU C 96 24.98 -1.38 15.05
C LEU C 96 23.80 -1.68 15.97
N ILE C 97 22.60 -1.22 15.61
CA ILE C 97 21.42 -1.51 16.41
C ILE C 97 21.19 -3.02 16.49
N PHE C 98 21.28 -3.70 15.34
CA PHE C 98 21.15 -5.15 15.34
C PHE C 98 22.22 -5.79 16.19
N VAL C 99 23.46 -5.29 16.09
CA VAL C 99 24.56 -5.89 16.85
C VAL C 99 24.27 -5.78 18.34
N MET C 100 23.90 -4.60 18.82
CA MET C 100 23.66 -4.46 20.25
C MET C 100 22.44 -5.27 20.71
N VAL C 101 21.37 -5.31 19.91
CA VAL C 101 20.20 -6.06 20.36
C VAL C 101 20.54 -7.55 20.47
N TYR C 102 21.23 -8.10 19.46
CA TYR C 102 21.63 -9.49 19.51
C TYR C 102 22.55 -9.75 20.71
N THR C 103 23.53 -8.87 20.92
CA THR C 103 24.49 -9.09 21.99
C THR C 103 23.81 -9.05 23.35
N VAL C 104 22.91 -8.11 23.57
CA VAL C 104 22.24 -8.03 24.86
C VAL C 104 21.31 -9.21 25.06
N THR C 105 20.61 -9.66 24.01
CA THR C 105 19.79 -10.86 24.15
C THR C 105 20.63 -12.06 24.57
N TRP C 106 21.76 -12.25 23.88
CA TRP C 106 22.62 -13.39 24.18
C TRP C 106 23.20 -13.28 25.59
N LEU C 107 23.62 -12.08 26.00
CA LEU C 107 24.17 -11.92 27.35
C LEU C 107 23.11 -12.20 28.40
N PHE C 108 21.89 -11.72 28.19
CA PHE C 108 20.81 -11.95 29.14
C PHE C 108 20.53 -13.45 29.29
N PHE C 109 20.40 -14.16 28.16
CA PHE C 109 20.09 -15.58 28.25
C PHE C 109 21.27 -16.38 28.79
N GLY C 110 22.49 -15.97 28.49
CA GLY C 110 23.64 -16.66 29.08
C GLY C 110 23.70 -16.46 30.58
N MET C 111 23.40 -15.25 31.04
CA MET C 111 23.34 -15.00 32.48
C MET C 111 22.27 -15.87 33.13
N ILE C 112 21.12 -16.00 32.46
CA ILE C 112 20.07 -16.85 33.02
C ILE C 112 20.53 -18.31 33.07
N TRP C 113 21.23 -18.77 32.03
CA TRP C 113 21.72 -20.14 32.03
C TRP C 113 22.72 -20.36 33.16
N TRP C 114 23.63 -19.40 33.35
CA TRP C 114 24.57 -19.49 34.48
C TRP C 114 23.81 -19.54 35.80
N LEU C 115 22.77 -18.72 35.93
CA LEU C 115 22.00 -18.67 37.17
C LEU C 115 21.32 -20.01 37.45
N ILE C 116 20.70 -20.60 36.42
CA ILE C 116 20.00 -21.86 36.63
C ILE C 116 20.98 -22.97 36.94
N ALA C 117 22.14 -22.96 36.29
CA ALA C 117 23.15 -23.96 36.63
C ALA C 117 23.65 -23.78 38.06
N TYR C 118 23.84 -22.54 38.50
CA TYR C 118 24.33 -22.27 39.84
C TYR C 118 23.30 -22.70 40.89
N ILE C 119 22.03 -22.34 40.68
CA ILE C 119 21.00 -22.69 41.64
C ILE C 119 20.87 -24.21 41.78
N ARG C 120 21.02 -24.93 40.67
CA ARG C 120 20.96 -26.38 40.71
C ARG C 120 22.11 -26.98 41.51
N GLY C 121 23.15 -26.20 41.79
CA GLY C 121 24.36 -26.76 42.36
C GLY C 121 25.19 -27.53 41.36
N ASP C 122 24.90 -27.39 40.07
CA ASP C 122 25.61 -28.15 39.04
C ASP C 122 27.10 -27.85 39.06
N MET C 123 27.46 -26.57 39.18
CA MET C 123 28.87 -26.20 39.15
C MET C 123 29.61 -26.70 40.38
N ASP C 124 28.91 -26.85 41.50
CA ASP C 124 29.54 -27.43 42.68
C ASP C 124 29.96 -28.87 42.42
N HIS C 125 29.09 -29.66 41.79
CA HIS C 125 29.46 -31.02 41.42
C HIS C 125 30.52 -31.02 40.33
N ILE C 126 30.37 -30.17 39.31
CA ILE C 126 31.36 -30.00 38.26
C ILE C 126 31.73 -31.35 37.66
N GLU C 127 32.89 -31.89 38.07
CA GLU C 127 33.43 -33.09 37.46
C GLU C 127 32.89 -34.37 38.06
N ASP C 128 31.98 -34.29 39.03
CA ASP C 128 31.44 -35.49 39.66
C ASP C 128 30.74 -36.36 38.62
N PRO C 129 31.11 -37.63 38.48
CA PRO C 129 30.46 -38.47 37.45
C PRO C 129 29.08 -38.97 37.85
N SER C 130 28.78 -39.05 39.15
CA SER C 130 27.48 -39.53 39.59
C SER C 130 26.39 -38.48 39.47
N TRP C 131 26.73 -37.25 39.14
CA TRP C 131 25.78 -36.14 39.07
C TRP C 131 25.49 -35.79 37.62
N THR C 132 24.21 -35.72 37.28
CA THR C 132 23.80 -35.40 35.92
C THR C 132 23.58 -33.90 35.80
N PRO C 133 24.36 -33.17 35.00
CA PRO C 133 24.19 -31.73 34.91
C PRO C 133 23.01 -31.33 34.04
N CYS C 134 22.63 -30.06 34.17
CA CYS C 134 21.59 -29.50 33.31
C CYS C 134 22.08 -29.39 31.87
N VAL C 135 23.14 -28.63 31.66
CA VAL C 135 23.77 -28.48 30.34
C VAL C 135 25.15 -29.10 30.43
N THR C 136 25.34 -30.18 29.69
CA THR C 136 26.60 -30.92 29.77
C THR C 136 27.77 -30.02 29.44
N ASN C 137 28.83 -30.14 30.23
CA ASN C 137 30.08 -29.40 30.06
C ASN C 137 29.91 -27.90 30.24
N LEU C 138 28.84 -27.46 30.87
CA LEU C 138 28.68 -26.05 31.22
C LEU C 138 29.17 -25.84 32.64
N ASN C 139 30.40 -25.33 32.77
CA ASN C 139 31.02 -25.17 34.09
C ASN C 139 31.69 -23.81 34.24
N GLY C 140 31.10 -22.76 33.68
CA GLY C 140 31.64 -21.43 33.80
C GLY C 140 30.77 -20.40 33.09
N PHE C 141 30.91 -19.12 33.46
CA PHE C 141 30.10 -18.09 32.84
C PHE C 141 30.39 -17.98 31.34
N VAL C 142 31.67 -18.07 30.96
CA VAL C 142 32.01 -18.02 29.54
C VAL C 142 31.34 -19.17 28.79
N SER C 143 31.38 -20.37 29.37
CA SER C 143 30.70 -21.50 28.75
C SER C 143 29.19 -21.28 28.68
N ALA C 144 28.60 -20.68 29.72
CA ALA C 144 27.17 -20.40 29.69
C ALA C 144 26.82 -19.44 28.56
N PHE C 145 27.61 -18.38 28.39
CA PHE C 145 27.35 -17.44 27.30
C PHE C 145 27.54 -18.11 25.95
N LEU C 146 28.56 -18.96 25.83
CA LEU C 146 28.77 -19.69 24.59
C LEU C 146 27.56 -20.56 24.27
N PHE C 147 27.03 -21.25 25.28
CA PHE C 147 25.83 -22.05 25.07
C PHE C 147 24.66 -21.17 24.68
N SER C 148 24.52 -20.00 25.28
CA SER C 148 23.42 -19.11 24.93
C SER C 148 23.50 -18.70 23.47
N ILE C 149 24.70 -18.32 23.00
CA ILE C 149 24.83 -17.93 21.60
C ILE C 149 24.59 -19.13 20.68
N GLU C 150 25.09 -20.30 21.06
CA GLU C 150 24.92 -21.48 20.21
C GLU C 150 23.43 -21.84 20.08
N THR C 151 22.70 -21.85 21.19
CA THR C 151 21.31 -22.29 21.16
C THR C 151 20.41 -21.23 20.53
N GLU C 152 20.61 -19.96 20.90
CA GLU C 152 19.72 -18.92 20.42
C GLU C 152 19.81 -18.75 18.91
N THR C 153 21.02 -18.80 18.37
CA THR C 153 21.23 -18.63 16.93
C THR C 153 21.10 -19.93 16.15
N THR C 154 20.65 -21.00 16.79
CA THR C 154 20.35 -22.26 16.10
C THR C 154 21.59 -22.86 15.46
N ILE C 155 22.57 -23.18 16.29
CA ILE C 155 23.77 -23.89 15.85
C ILE C 155 23.88 -25.20 16.62
N GLY C 156 24.03 -25.12 17.94
CA GLY C 156 24.07 -26.31 18.76
C GLY C 156 25.17 -27.28 18.37
N TYR C 157 26.43 -26.90 18.57
CA TYR C 157 27.54 -27.76 18.18
C TYR C 157 27.46 -29.15 18.83
N GLY C 158 26.86 -29.25 20.01
CA GLY C 158 26.70 -30.52 20.66
C GLY C 158 27.71 -30.79 21.77
N TYR C 159 28.85 -30.12 21.77
CA TYR C 159 29.76 -30.23 22.90
C TYR C 159 29.09 -29.74 24.17
N ARG C 160 28.15 -28.80 24.04
CA ARG C 160 27.28 -28.37 25.12
C ARG C 160 25.85 -28.72 24.73
N VAL C 161 25.20 -29.56 25.54
CA VAL C 161 23.85 -30.01 25.23
C VAL C 161 23.11 -30.21 26.55
N ILE C 162 21.81 -29.93 26.55
CA ILE C 162 21.00 -30.04 27.75
C ILE C 162 20.45 -31.45 27.86
N THR C 163 20.52 -32.01 29.07
CA THR C 163 19.98 -33.32 29.34
C THR C 163 18.51 -33.22 29.75
N ASP C 164 17.84 -34.36 29.76
CA ASP C 164 16.41 -34.39 30.07
C ASP C 164 16.12 -34.16 31.54
N LYS C 165 17.13 -34.22 32.42
CA LYS C 165 16.89 -34.10 33.85
C LYS C 165 16.89 -32.65 34.34
N CYS C 166 16.08 -31.79 33.72
CA CYS C 166 15.90 -30.42 34.19
C CYS C 166 14.72 -29.76 33.49
N PRO C 167 13.50 -29.92 34.00
CA PRO C 167 12.35 -29.29 33.32
C PRO C 167 12.48 -27.78 33.18
N GLU C 168 13.06 -27.10 34.17
CA GLU C 168 13.30 -25.67 34.04
C GLU C 168 14.18 -25.39 32.83
N GLY C 169 15.17 -26.25 32.58
CA GLY C 169 15.97 -26.11 31.38
C GLY C 169 15.14 -26.25 30.12
N ILE C 170 14.17 -27.17 30.12
CA ILE C 170 13.30 -27.35 28.97
C ILE C 170 12.51 -26.06 28.72
N ILE C 171 11.94 -25.48 29.78
CA ILE C 171 11.17 -24.25 29.62
C ILE C 171 12.06 -23.14 29.11
N LEU C 172 13.27 -23.02 29.65
CA LEU C 172 14.18 -21.96 29.22
C LEU C 172 14.54 -22.12 27.75
N LEU C 173 14.82 -23.36 27.32
CA LEU C 173 15.14 -23.60 25.93
C LEU C 173 13.97 -23.24 25.02
N LEU C 174 12.76 -23.61 25.44
CA LEU C 174 11.58 -23.29 24.65
C LEU C 174 11.45 -21.79 24.46
N ILE C 175 11.49 -21.04 25.58
CA ILE C 175 11.30 -19.60 25.47
C ILE C 175 12.44 -18.95 24.69
N GLN C 176 13.67 -19.44 24.88
CA GLN C 176 14.80 -18.88 24.14
C GLN C 176 14.67 -19.11 22.64
N SER C 177 14.25 -20.31 22.24
CA SER C 177 14.06 -20.58 20.81
C SER C 177 12.97 -19.69 20.24
N VAL C 178 11.86 -19.54 20.97
CA VAL C 178 10.77 -18.70 20.46
C VAL C 178 11.25 -17.26 20.32
N LEU C 179 11.99 -16.77 21.32
CA LEU C 179 12.48 -15.40 21.26
C LEU C 179 13.48 -15.22 20.13
N GLY C 180 14.33 -16.21 19.88
CA GLY C 180 15.25 -16.12 18.77
C GLY C 180 14.54 -16.05 17.44
N SER C 181 13.51 -16.87 17.26
CA SER C 181 12.70 -16.78 16.05
C SER C 181 12.04 -15.41 15.93
N ILE C 182 11.54 -14.88 17.05
CA ILE C 182 10.94 -13.55 17.05
C ILE C 182 11.94 -12.52 16.56
N VAL C 183 13.17 -12.56 17.09
CA VAL C 183 14.18 -11.57 16.75
C VAL C 183 14.58 -11.71 15.29
N ASN C 184 14.72 -12.94 14.81
CA ASN C 184 15.07 -13.13 13.40
C ASN C 184 13.98 -12.58 12.48
N ALA C 185 12.72 -12.84 12.82
CA ALA C 185 11.62 -12.30 12.01
C ALA C 185 11.62 -10.78 12.04
N PHE C 186 11.87 -10.19 13.22
CA PHE C 186 11.92 -8.74 13.33
C PHE C 186 13.04 -8.17 12.47
N MET C 187 14.20 -8.83 12.48
CA MET C 187 15.32 -8.39 11.66
C MET C 187 14.97 -8.44 10.18
N VAL C 188 14.34 -9.54 9.75
CA VAL C 188 13.97 -9.67 8.35
C VAL C 188 12.97 -8.59 7.96
N GLY C 189 12.00 -8.33 8.84
CA GLY C 189 11.03 -7.27 8.55
C GLY C 189 11.67 -5.90 8.46
N CYS C 190 12.62 -5.62 9.36
CA CYS C 190 13.31 -4.35 9.31
C CYS C 190 14.08 -4.19 7.99
N MET C 191 14.80 -5.23 7.58
CA MET C 191 15.51 -5.16 6.31
C MET C 191 14.54 -4.96 5.15
N PHE C 192 13.43 -5.70 5.16
CA PHE C 192 12.44 -5.59 4.09
C PHE C 192 11.90 -4.17 3.99
N VAL C 193 11.55 -3.56 5.13
CA VAL C 193 11.04 -2.20 5.12
C VAL C 193 12.11 -1.23 4.66
N LYS C 194 13.36 -1.44 5.09
CA LYS C 194 14.44 -0.54 4.70
C LYS C 194 14.65 -0.55 3.19
N ILE C 195 14.66 -1.73 2.58
CA ILE C 195 14.90 -1.80 1.14
C ILE C 195 13.66 -1.36 0.37
N SER C 196 12.47 -1.65 0.90
CA SER C 196 11.22 -1.30 0.23
C SER C 196 10.77 0.11 0.59
N GLN C 197 11.41 1.11 -0.02
CA GLN C 197 11.06 2.49 0.27
C GLN C 197 9.78 2.87 -0.48
N PRO C 198 8.71 3.28 0.22
CA PRO C 198 7.46 3.61 -0.48
C PRO C 198 7.51 4.88 -1.30
N LYS C 199 8.51 5.74 -1.12
CA LYS C 199 8.54 7.02 -1.82
C LYS C 199 9.97 7.51 -1.97
N LYS C 200 10.16 8.46 -2.88
CA LYS C 200 11.44 9.11 -3.11
C LYS C 200 11.27 10.62 -3.00
N ARG C 201 12.30 11.37 -3.39
CA ARG C 201 12.28 12.82 -3.30
C ARG C 201 13.01 13.45 -4.48
N ALA C 202 12.55 14.64 -4.85
CA ALA C 202 13.23 15.50 -5.83
C ALA C 202 13.35 14.83 -7.19
N GLU C 203 14.41 14.04 -7.38
CA GLU C 203 14.71 13.44 -8.69
C GLU C 203 14.85 14.52 -9.76
N THR C 204 15.40 15.67 -9.36
CA THR C 204 15.72 16.77 -10.27
C THR C 204 14.49 17.31 -11.00
N LEU C 205 13.33 17.33 -10.33
CA LEU C 205 12.16 17.99 -10.88
C LEU C 205 12.24 19.48 -10.55
N VAL C 206 13.16 20.19 -11.18
CA VAL C 206 13.46 21.57 -10.80
C VAL C 206 12.33 22.48 -11.25
N PHE C 207 11.94 23.41 -10.37
CA PHE C 207 10.97 24.44 -10.70
C PHE C 207 11.69 25.68 -11.21
N SER C 208 10.89 26.70 -11.53
CA SER C 208 11.46 27.97 -11.94
C SER C 208 11.84 28.80 -10.73
N THR C 209 13.01 29.44 -10.80
CA THR C 209 13.44 30.32 -9.72
C THR C 209 12.61 31.59 -9.64
N HIS C 210 11.77 31.86 -10.63
CA HIS C 210 10.86 33.00 -10.60
C HIS C 210 9.52 32.59 -11.17
N ALA C 211 8.46 33.18 -10.63
CA ALA C 211 7.13 33.13 -11.23
C ALA C 211 6.81 34.50 -11.81
N VAL C 212 5.89 34.52 -12.76
CA VAL C 212 5.55 35.75 -13.45
C VAL C 212 4.04 35.93 -13.48
N ILE C 213 3.62 37.16 -13.69
CA ILE C 213 2.22 37.50 -13.93
C ILE C 213 2.14 38.20 -15.27
N SER C 214 1.31 37.68 -16.18
CA SER C 214 1.29 38.16 -17.54
C SER C 214 -0.13 38.07 -18.10
N MET C 215 -0.29 38.62 -19.28
CA MET C 215 -1.59 38.69 -19.96
C MET C 215 -1.71 37.53 -20.94
N ARG C 216 -2.93 37.00 -21.07
CA ARG C 216 -3.19 35.90 -21.98
C ARG C 216 -4.62 35.99 -22.50
N ASP C 217 -4.75 35.98 -23.84
CA ASP C 217 -6.03 35.96 -24.56
C ASP C 217 -7.11 36.71 -23.78
N GLY C 218 -6.85 37.97 -23.45
CA GLY C 218 -7.81 38.77 -22.74
C GLY C 218 -7.99 38.40 -21.28
N LYS C 219 -7.02 37.73 -20.68
CA LYS C 219 -7.11 37.35 -19.28
C LYS C 219 -5.73 37.50 -18.65
N LEU C 220 -5.71 37.81 -17.36
CA LEU C 220 -4.49 38.00 -16.60
C LEU C 220 -4.25 36.76 -15.74
N CYS C 221 -3.05 36.18 -15.86
CA CYS C 221 -2.76 34.90 -15.23
C CYS C 221 -1.37 34.92 -14.62
N LEU C 222 -1.18 34.08 -13.61
CA LEU C 222 0.12 33.83 -13.01
C LEU C 222 0.63 32.47 -13.46
N MET C 223 1.93 32.39 -13.74
CA MET C 223 2.50 31.16 -14.28
C MET C 223 3.93 30.99 -13.78
N PHE C 224 4.31 29.73 -13.59
CA PHE C 224 5.66 29.37 -13.15
C PHE C 224 6.06 28.09 -13.85
N ARG C 225 7.26 28.09 -14.41
CA ARG C 225 7.74 26.99 -15.24
C ARG C 225 8.03 25.76 -14.39
N VAL C 226 7.78 24.59 -14.96
CA VAL C 226 8.05 23.31 -14.32
C VAL C 226 8.69 22.39 -15.35
N GLY C 227 9.48 21.43 -14.89
CA GLY C 227 10.08 20.48 -15.80
C GLY C 227 11.17 19.68 -15.13
N ASP C 228 11.87 18.89 -15.94
CA ASP C 228 12.98 18.06 -15.49
C ASP C 228 14.19 18.34 -16.38
N LEU C 229 15.34 18.57 -15.76
CA LEU C 229 16.55 18.82 -16.53
C LEU C 229 17.28 17.54 -16.93
N ARG C 230 16.93 16.41 -16.32
CA ARG C 230 17.54 15.13 -16.68
C ARG C 230 16.77 14.52 -17.85
N ASN C 231 17.04 13.25 -18.13
CA ASN C 231 16.31 12.55 -19.19
C ASN C 231 14.84 12.42 -18.79
N SER C 232 13.98 12.34 -19.80
CA SER C 232 12.54 12.30 -19.56
C SER C 232 12.13 10.94 -19.03
N HIS C 233 12.57 10.60 -17.82
CA HIS C 233 12.21 9.35 -17.17
C HIS C 233 10.95 9.47 -16.32
N ILE C 234 10.40 10.67 -16.19
CA ILE C 234 9.17 10.89 -15.44
C ILE C 234 8.33 11.91 -16.19
N VAL C 235 7.21 11.46 -16.78
CA VAL C 235 6.39 12.31 -17.62
C VAL C 235 4.94 12.35 -17.17
N GLU C 236 4.58 11.73 -16.05
CA GLU C 236 3.25 11.80 -15.48
C GLU C 236 3.34 12.38 -14.08
N ALA C 237 2.55 13.41 -13.79
CA ALA C 237 2.63 14.09 -12.51
C ALA C 237 1.33 14.82 -12.23
N SER C 238 1.16 15.22 -10.97
CA SER C 238 0.07 16.07 -10.53
C SER C 238 0.65 17.24 -9.76
N ILE C 239 0.05 18.42 -9.93
CA ILE C 239 0.60 19.67 -9.40
C ILE C 239 -0.44 20.32 -8.50
N ARG C 240 0.02 20.78 -7.34
CA ARG C 240 -0.81 21.50 -6.37
C ARG C 240 -0.09 22.78 -5.97
N ALA C 241 -0.85 23.81 -5.64
CA ALA C 241 -0.27 25.11 -5.33
C ALA C 241 -1.07 25.78 -4.23
N LYS C 242 -0.40 26.13 -3.14
CA LYS C 242 -1.01 26.75 -1.98
C LYS C 242 -0.43 28.14 -1.77
N LEU C 243 -1.27 29.06 -1.28
CA LEU C 243 -0.85 30.41 -0.96
C LEU C 243 -0.98 30.62 0.55
N ILE C 244 0.06 31.17 1.17
CA ILE C 244 0.13 31.33 2.61
C ILE C 244 0.23 32.81 2.91
N LYS C 245 -0.77 33.34 3.63
CA LYS C 245 -0.86 34.78 3.86
C LYS C 245 -1.58 35.02 5.18
N SER C 246 -1.37 36.22 5.73
CA SER C 246 -2.07 36.63 6.94
C SER C 246 -3.27 37.50 6.58
N LYS C 247 -4.42 37.19 7.17
CA LYS C 247 -5.67 37.86 6.84
C LYS C 247 -6.33 38.41 8.10
N GLN C 248 -6.95 39.57 7.97
CA GLN C 248 -7.74 40.18 9.02
C GLN C 248 -9.22 40.11 8.64
N THR C 249 -9.98 39.31 9.39
CA THR C 249 -11.40 39.16 9.11
C THR C 249 -12.17 40.41 9.52
N SER C 250 -13.28 40.65 8.81
CA SER C 250 -14.12 41.80 9.14
C SER C 250 -14.67 41.71 10.55
N GLU C 251 -14.74 40.52 11.13
CA GLU C 251 -15.24 40.31 12.48
C GLU C 251 -14.17 40.57 13.54
N GLY C 252 -12.96 40.97 13.14
CA GLY C 252 -11.91 41.26 14.08
C GLY C 252 -10.94 40.13 14.36
N GLU C 253 -11.23 38.92 13.90
CA GLU C 253 -10.31 37.81 14.12
C GLU C 253 -9.10 37.94 13.22
N PHE C 254 -7.92 37.76 13.79
CA PHE C 254 -6.67 37.79 13.04
C PHE C 254 -6.09 36.39 12.97
N ILE C 255 -5.90 35.89 11.76
CA ILE C 255 -5.33 34.57 11.52
C ILE C 255 -3.96 34.78 10.88
N PRO C 256 -2.85 34.42 11.56
CA PRO C 256 -1.53 34.77 11.04
C PRO C 256 -1.14 33.99 9.79
N LEU C 257 -1.57 32.72 9.70
CA LEU C 257 -1.19 31.83 8.61
C LEU C 257 -2.49 31.28 8.00
N ASN C 258 -2.98 31.97 6.98
CA ASN C 258 -4.23 31.62 6.31
C ASN C 258 -3.91 31.00 4.95
N GLN C 259 -4.25 29.73 4.79
CA GLN C 259 -3.95 28.98 3.58
C GLN C 259 -5.14 28.99 2.64
N THR C 260 -4.87 29.21 1.35
CA THR C 260 -5.87 29.08 0.31
C THR C 260 -5.24 28.34 -0.86
N ASP C 261 -6.07 27.67 -1.65
CA ASP C 261 -5.60 26.90 -2.80
C ASP C 261 -5.77 27.74 -4.05
N ILE C 262 -4.66 28.00 -4.74
CA ILE C 262 -4.69 28.72 -6.00
C ILE C 262 -4.86 27.71 -7.12
N ASN C 263 -6.12 27.38 -7.43
CA ASN C 263 -6.42 26.29 -8.35
C ASN C 263 -5.63 26.41 -9.65
N VAL C 264 -5.02 25.31 -10.07
CA VAL C 264 -4.27 25.28 -11.32
C VAL C 264 -5.00 24.39 -12.31
N GLY C 265 -6.29 24.14 -12.05
CA GLY C 265 -7.11 23.34 -12.95
C GLY C 265 -7.78 22.16 -12.28
N TYR C 266 -7.88 22.19 -10.94
CA TYR C 266 -8.43 21.05 -10.23
C TYR C 266 -9.83 20.71 -10.70
N TYR C 267 -10.68 21.73 -10.93
CA TYR C 267 -12.04 21.47 -11.36
C TYR C 267 -12.07 20.68 -12.66
N THR C 268 -11.25 21.08 -13.64
CA THR C 268 -11.34 20.49 -14.97
C THR C 268 -10.54 19.19 -15.08
N GLY C 269 -9.82 18.82 -14.04
CA GLY C 269 -8.94 17.68 -14.10
C GLY C 269 -7.64 17.94 -14.85
N ASP C 270 -7.38 19.20 -15.22
CA ASP C 270 -6.18 19.55 -15.96
C ASP C 270 -4.91 19.36 -15.14
N ASP C 271 -5.01 19.34 -13.82
CA ASP C 271 -3.82 19.19 -12.97
C ASP C 271 -3.01 17.96 -13.32
N ARG C 272 -3.64 16.91 -13.84
CA ARG C 272 -2.94 15.68 -14.17
C ARG C 272 -2.09 15.91 -15.43
N LEU C 273 -1.07 16.76 -15.32
CA LEU C 273 -0.32 17.19 -16.49
C LEU C 273 0.66 16.11 -16.94
N PHE C 274 1.29 16.37 -18.09
CA PHE C 274 2.12 15.40 -18.78
C PHE C 274 3.46 16.07 -19.12
N LEU C 275 4.50 15.72 -18.37
CA LEU C 275 5.81 16.36 -18.54
C LEU C 275 6.56 15.88 -19.78
N VAL C 276 5.98 16.06 -20.97
CA VAL C 276 6.71 15.75 -22.19
C VAL C 276 7.88 16.72 -22.37
N SER C 277 7.68 17.97 -21.97
CA SER C 277 8.70 19.00 -22.07
C SER C 277 8.41 20.04 -21.00
N PRO C 278 9.39 20.88 -20.66
CA PRO C 278 9.13 21.88 -19.61
C PRO C 278 7.90 22.71 -19.94
N LEU C 279 7.04 22.90 -18.95
CA LEU C 279 5.75 23.53 -19.14
C LEU C 279 5.69 24.89 -18.44
N ILE C 280 4.73 25.70 -18.86
CA ILE C 280 4.39 26.93 -18.18
C ILE C 280 3.01 26.77 -17.56
N ILE C 281 2.98 26.28 -16.31
CA ILE C 281 1.72 26.08 -15.59
C ILE C 281 1.10 27.45 -15.36
N SER C 282 -0.18 27.57 -15.67
CA SER C 282 -0.88 28.85 -15.61
C SER C 282 -2.04 28.77 -14.61
N HIS C 283 -2.14 29.80 -13.78
CA HIS C 283 -3.26 29.99 -12.88
C HIS C 283 -4.00 31.25 -13.30
N GLU C 284 -5.30 31.14 -13.50
CA GLU C 284 -6.12 32.23 -13.99
C GLU C 284 -6.61 33.07 -12.81
N ILE C 285 -6.46 34.39 -12.94
CA ILE C 285 -6.89 35.31 -11.89
C ILE C 285 -8.35 35.69 -12.09
N ASN C 286 -9.25 34.87 -11.57
CA ASN C 286 -10.68 35.15 -11.63
C ASN C 286 -11.15 35.71 -10.28
N GLN C 287 -12.45 35.92 -10.16
CA GLN C 287 -13.00 36.48 -8.94
C GLN C 287 -12.76 35.58 -7.73
N GLN C 288 -12.52 34.28 -7.96
CA GLN C 288 -12.22 33.38 -6.85
C GLN C 288 -10.74 33.38 -6.49
N SER C 289 -9.86 33.70 -7.44
CA SER C 289 -8.44 33.55 -7.21
C SER C 289 -7.98 34.50 -6.10
N PRO C 290 -7.09 34.05 -5.20
CA PRO C 290 -6.61 34.93 -4.14
C PRO C 290 -5.98 36.22 -4.65
N PHE C 291 -5.29 36.19 -5.79
CA PHE C 291 -4.65 37.39 -6.32
C PHE C 291 -5.63 38.33 -6.98
N TRP C 292 -6.94 38.12 -6.78
CA TRP C 292 -7.94 38.89 -7.50
C TRP C 292 -7.84 40.39 -7.22
N GLU C 293 -7.27 40.77 -6.07
CA GLU C 293 -7.22 42.17 -5.70
C GLU C 293 -5.83 42.77 -5.88
N ILE C 294 -4.80 41.94 -6.05
CA ILE C 294 -3.43 42.44 -6.10
C ILE C 294 -3.21 43.26 -7.35
N SER C 295 -2.38 44.28 -7.24
CA SER C 295 -2.04 45.16 -8.36
C SER C 295 -0.51 45.30 -8.43
N LYS C 296 -0.06 46.10 -9.40
CA LYS C 296 1.37 46.26 -9.61
C LYS C 296 2.07 46.84 -8.38
N ALA C 297 1.56 47.96 -7.87
CA ALA C 297 2.24 48.62 -6.76
C ALA C 297 2.01 47.89 -5.45
N GLN C 298 0.90 47.15 -5.33
CA GLN C 298 0.60 46.50 -4.06
C GLN C 298 1.44 45.23 -3.86
N LEU C 299 1.75 44.51 -4.93
CA LEU C 299 2.44 43.24 -4.77
C LEU C 299 3.78 43.37 -4.03
N PRO C 300 4.63 44.35 -4.33
CA PRO C 300 5.85 44.50 -3.51
C PRO C 300 5.56 44.66 -2.02
N LYS C 301 4.51 45.39 -1.66
CA LYS C 301 4.22 45.62 -0.25
C LYS C 301 3.72 44.35 0.42
N GLU C 302 2.87 43.58 -0.27
CA GLU C 302 2.30 42.39 0.33
C GLU C 302 3.39 41.41 0.76
N GLU C 303 3.25 40.88 1.98
CA GLU C 303 4.11 39.80 2.45
C GLU C 303 3.60 38.44 2.00
N LEU C 304 3.38 38.28 0.71
CA LEU C 304 2.74 37.08 0.18
C LEU C 304 3.69 35.89 0.25
N GLU C 305 3.18 34.74 -0.19
CA GLU C 305 4.00 33.55 -0.39
C GLU C 305 3.17 32.54 -1.17
N ILE C 306 3.87 31.68 -1.92
CA ILE C 306 3.27 30.58 -2.64
C ILE C 306 4.04 29.31 -2.30
N VAL C 307 3.36 28.18 -2.37
CA VAL C 307 3.99 26.87 -2.21
C VAL C 307 3.47 25.98 -3.32
N VAL C 308 4.39 25.38 -4.07
CA VAL C 308 4.06 24.53 -5.21
C VAL C 308 4.55 23.14 -4.90
N ILE C 309 3.67 22.15 -5.08
CA ILE C 309 4.00 20.76 -4.83
C ILE C 309 3.68 19.96 -6.08
N LEU C 310 4.62 19.13 -6.52
CA LEU C 310 4.47 18.31 -7.71
C LEU C 310 4.82 16.87 -7.36
N GLU C 311 3.95 15.94 -7.74
CA GLU C 311 4.16 14.52 -7.52
C GLU C 311 3.87 13.75 -8.80
N GLY C 312 4.71 12.78 -9.09
CA GLY C 312 4.56 12.01 -10.32
C GLY C 312 5.18 10.64 -10.18
N MET C 313 5.06 9.83 -11.23
CA MET C 313 5.57 8.48 -11.26
C MET C 313 6.50 8.30 -12.46
N VAL C 314 7.47 7.41 -12.30
CA VAL C 314 8.54 7.23 -13.28
C VAL C 314 8.17 6.12 -14.25
N GLU C 315 8.76 6.17 -15.44
CA GLU C 315 8.26 5.37 -16.57
C GLU C 315 8.74 3.93 -16.51
N ALA C 316 10.05 3.71 -16.60
CA ALA C 316 10.60 2.37 -16.75
C ALA C 316 10.72 1.64 -15.42
N THR C 317 10.00 2.08 -14.39
CA THR C 317 10.01 1.39 -13.10
C THR C 317 8.87 1.92 -12.26
N GLY C 318 8.55 1.21 -11.19
CA GLY C 318 7.46 1.58 -10.32
C GLY C 318 7.91 2.40 -9.13
N MET C 319 7.71 3.72 -9.20
CA MET C 319 8.08 4.60 -8.11
C MET C 319 7.32 5.91 -8.25
N THR C 320 7.15 6.61 -7.13
CA THR C 320 6.50 7.91 -7.09
C THR C 320 7.47 8.93 -6.51
N CYS C 321 7.53 10.10 -7.15
CA CYS C 321 8.47 11.15 -6.79
C CYS C 321 7.70 12.41 -6.40
N GLN C 322 8.28 13.20 -5.50
CA GLN C 322 7.68 14.44 -5.03
C GLN C 322 8.72 15.54 -5.03
N ALA C 323 8.28 16.77 -5.31
CA ALA C 323 9.14 17.94 -5.26
C ALA C 323 8.31 19.14 -4.84
N ARG C 324 8.96 20.14 -4.24
CA ARG C 324 8.27 21.31 -3.73
C ARG C 324 9.14 22.55 -3.89
N SER C 325 8.54 23.70 -3.65
CA SER C 325 9.24 24.98 -3.74
C SER C 325 8.31 26.10 -3.30
N SER C 326 8.85 27.30 -3.19
CA SER C 326 8.07 28.48 -2.83
C SER C 326 8.61 29.67 -3.61
N TYR C 327 7.88 30.79 -3.54
CA TYR C 327 8.19 31.94 -4.37
C TYR C 327 8.19 33.28 -3.61
N ILE C 328 7.81 33.30 -2.35
CA ILE C 328 7.82 34.53 -1.56
C ILE C 328 7.12 35.63 -2.36
N THR C 329 7.66 36.86 -2.30
CA THR C 329 7.17 37.96 -3.12
C THR C 329 8.26 38.59 -3.97
N SER C 330 9.53 38.39 -3.63
CA SER C 330 10.61 38.92 -4.46
C SER C 330 10.75 38.12 -5.75
N GLU C 331 10.39 36.84 -5.72
CA GLU C 331 10.53 35.96 -6.88
C GLU C 331 9.32 36.02 -7.81
N ILE C 332 8.32 36.82 -7.50
CA ILE C 332 7.14 37.00 -8.34
C ILE C 332 7.31 38.31 -9.09
N LEU C 333 7.44 38.22 -10.41
CA LEU C 333 7.67 39.38 -11.26
C LEU C 333 6.39 39.72 -12.00
N TRP C 334 6.06 41.01 -12.08
CA TRP C 334 4.87 41.46 -12.77
C TRP C 334 5.24 41.95 -14.16
N GLY C 335 4.43 41.57 -15.15
CA GLY C 335 4.70 41.98 -16.51
C GLY C 335 5.83 41.26 -17.18
N TYR C 336 6.27 40.14 -16.61
CA TYR C 336 7.36 39.34 -17.18
C TYR C 336 6.79 38.08 -17.79
N ARG C 337 7.49 37.58 -18.81
CA ARG C 337 7.02 36.41 -19.55
C ARG C 337 8.19 35.46 -19.76
N PHE C 338 7.90 34.16 -19.69
CA PHE C 338 8.90 33.12 -19.86
C PHE C 338 9.33 33.04 -21.32
N THR C 339 10.64 33.00 -21.55
CA THR C 339 11.13 32.75 -22.89
C THR C 339 10.97 31.27 -23.22
N PRO C 340 10.51 30.92 -24.43
CA PRO C 340 10.28 29.50 -24.74
C PRO C 340 11.56 28.69 -24.60
N VAL C 341 11.42 27.49 -24.04
CA VAL C 341 12.54 26.57 -23.98
C VAL C 341 12.60 25.73 -25.24
N LEU C 342 11.49 25.62 -25.96
CA LEU C 342 11.39 24.80 -27.16
C LEU C 342 11.28 25.69 -28.39
N THR C 343 12.13 25.44 -29.37
CA THR C 343 12.03 26.07 -30.68
C THR C 343 11.97 24.98 -31.75
N LEU C 344 11.08 25.18 -32.70
CA LEU C 344 10.76 24.14 -33.69
C LEU C 344 11.35 24.50 -35.04
N GLU C 345 11.96 23.51 -35.69
CA GLU C 345 12.52 23.65 -37.02
C GLU C 345 12.09 22.44 -37.84
N ASP C 346 12.15 22.59 -39.16
CA ASP C 346 11.71 21.54 -40.06
C ASP C 346 12.42 20.22 -39.76
N GLY C 347 11.67 19.23 -39.28
CA GLY C 347 12.19 17.91 -39.06
C GLY C 347 12.90 17.68 -37.73
N PHE C 348 13.07 18.72 -36.92
CA PHE C 348 13.77 18.55 -35.65
C PHE C 348 13.39 19.67 -34.69
N TYR C 349 13.70 19.45 -33.41
CA TYR C 349 13.46 20.40 -32.34
C TYR C 349 14.67 20.47 -31.44
N GLU C 350 14.82 21.59 -30.73
CA GLU C 350 15.90 21.76 -29.78
C GLU C 350 15.36 22.39 -28.50
N VAL C 351 15.91 21.97 -27.37
CA VAL C 351 15.53 22.47 -26.05
C VAL C 351 16.72 23.22 -25.46
N ASP C 352 16.55 24.53 -25.28
CA ASP C 352 17.60 25.38 -24.72
C ASP C 352 17.46 25.40 -23.19
N TYR C 353 17.88 24.29 -22.59
CA TYR C 353 17.67 24.11 -21.15
C TYR C 353 18.38 25.19 -20.34
N ASN C 354 19.52 25.70 -20.83
CA ASN C 354 20.22 26.74 -20.08
C ASN C 354 19.39 28.02 -20.00
N SER C 355 18.39 28.16 -20.87
CA SER C 355 17.50 29.32 -20.81
C SER C 355 16.25 29.01 -20.00
N PHE C 356 16.20 27.86 -19.34
CA PHE C 356 15.05 27.42 -18.57
C PHE C 356 14.52 28.54 -17.67
N HIS C 357 15.37 29.05 -16.77
CA HIS C 357 14.93 30.08 -15.83
C HIS C 357 14.79 31.44 -16.47
N GLU C 358 15.48 31.71 -17.57
CA GLU C 358 15.56 33.06 -18.12
C GLU C 358 14.16 33.58 -18.43
N THR C 359 13.91 34.84 -18.05
CA THR C 359 12.63 35.48 -18.25
C THR C 359 12.83 36.85 -18.87
N TYR C 360 11.89 37.26 -19.72
CA TYR C 360 11.97 38.54 -20.41
C TYR C 360 10.68 39.32 -20.19
N GLU C 361 10.80 40.64 -20.20
CA GLU C 361 9.72 41.55 -19.87
C GLU C 361 8.87 41.84 -21.10
N THR C 362 7.59 42.14 -20.88
CA THR C 362 6.68 42.53 -21.94
C THR C 362 5.62 43.45 -21.36
N SER C 363 5.00 44.23 -22.24
CA SER C 363 3.99 45.20 -21.81
C SER C 363 2.80 44.49 -21.20
N THR C 364 2.35 44.97 -20.03
CA THR C 364 1.17 44.45 -19.37
C THR C 364 0.54 45.58 -18.57
N PRO C 365 -0.77 45.54 -18.34
CA PRO C 365 -1.40 46.57 -17.52
C PRO C 365 -0.96 46.48 -16.07
N SER C 366 -0.91 47.62 -15.41
CA SER C 366 -0.55 47.69 -14.00
C SER C 366 -1.74 47.56 -13.07
N LEU C 367 -2.96 47.54 -13.62
CA LEU C 367 -4.15 47.46 -12.79
C LEU C 367 -4.38 46.02 -12.33
N SER C 368 -5.11 45.88 -11.23
CA SER C 368 -5.44 44.57 -10.72
C SER C 368 -6.47 43.88 -11.62
N ALA C 369 -6.53 42.55 -11.51
CA ALA C 369 -7.53 41.81 -12.25
C ALA C 369 -8.93 42.31 -11.96
N LYS C 370 -9.19 42.70 -10.70
CA LYS C 370 -10.47 43.31 -10.37
C LYS C 370 -10.68 44.61 -11.13
N GLU C 371 -9.64 45.44 -11.18
CA GLU C 371 -9.73 46.68 -11.96
C GLU C 371 -9.84 46.39 -13.45
N LEU C 372 -9.19 45.35 -13.93
CA LEU C 372 -9.33 44.97 -15.33
C LEU C 372 -10.78 44.61 -15.66
N ALA C 373 -11.40 43.80 -14.79
CA ALA C 373 -12.80 43.42 -15.00
C ALA C 373 -13.71 44.65 -14.92
N GLU C 374 -13.44 45.54 -13.96
CA GLU C 374 -14.25 46.75 -13.84
C GLU C 374 -14.15 47.60 -15.10
N LEU C 375 -12.93 47.77 -15.63
CA LEU C 375 -12.76 48.56 -16.85
C LEU C 375 -13.44 47.89 -18.04
N ALA C 376 -13.34 46.57 -18.14
CA ALA C 376 -14.01 45.87 -19.23
C ALA C 376 -15.52 46.03 -19.15
N ASN C 377 -16.09 45.92 -17.94
CA ASN C 377 -17.52 46.11 -17.78
C ASN C 377 -17.94 47.53 -18.11
N ARG C 378 -17.14 48.52 -17.69
CA ARG C 378 -17.47 49.90 -18.01
C ARG C 378 -17.44 50.14 -19.51
N ALA C 379 -16.43 49.58 -20.20
CA ALA C 379 -16.38 49.71 -21.65
C ALA C 379 -17.57 49.03 -22.32
N GLU C 380 -17.96 47.84 -21.83
CA GLU C 380 -19.12 47.17 -22.40
C GLU C 380 -20.40 47.97 -22.19
N SER C 381 -20.56 48.58 -21.03
CA SER C 381 -21.76 49.37 -20.74
C SER C 381 -21.95 50.47 -21.77
N ILE D 55 11.83 34.20 8.99
CA ILE D 55 10.52 33.56 8.64
C ILE D 55 10.69 32.81 7.32
N GLN D 56 9.95 33.21 6.29
CA GLN D 56 10.16 32.70 4.93
C GLN D 56 10.01 31.18 4.89
N ARG D 57 8.79 30.74 5.18
CA ARG D 57 8.51 29.31 5.22
C ARG D 57 8.75 28.66 3.86
N TYR D 58 9.49 27.56 3.88
CA TYR D 58 9.73 26.72 2.71
C TYR D 58 10.44 27.47 1.58
N VAL D 59 11.03 28.64 1.86
CA VAL D 59 11.90 29.25 0.86
C VAL D 59 13.05 28.31 0.55
N ARG D 60 13.59 27.65 1.57
CA ARG D 60 14.42 26.48 1.34
C ARG D 60 13.60 25.43 0.62
N LYS D 61 14.11 24.87 -0.46
CA LYS D 61 13.41 23.80 -1.17
C LYS D 61 13.34 22.52 -0.33
N ASP D 62 14.09 22.44 0.78
CA ASP D 62 13.98 21.30 1.67
C ASP D 62 12.70 21.36 2.50
N GLY D 63 12.53 22.41 3.30
CA GLY D 63 11.33 22.62 4.07
C GLY D 63 11.54 22.97 5.53
N LYS D 64 12.77 23.26 5.94
CA LYS D 64 13.03 23.64 7.32
C LYS D 64 12.35 24.94 7.66
N GLU D 74 15.72 14.76 16.65
CA GLU D 74 17.04 14.25 16.32
C GLU D 74 17.01 12.73 16.11
N THR D 75 18.11 12.18 15.58
CA THR D 75 18.17 10.75 15.37
C THR D 75 18.09 9.97 16.68
N TYR D 76 18.73 10.49 17.74
CA TYR D 76 18.66 9.83 19.04
C TYR D 76 17.23 9.78 19.55
N ARG D 77 16.47 10.87 19.37
CA ARG D 77 15.08 10.87 19.78
C ARG D 77 14.27 9.84 19.00
N TYR D 78 14.53 9.73 17.69
CA TYR D 78 13.83 8.73 16.89
C TYR D 78 14.16 7.32 17.36
N LEU D 79 15.43 7.06 17.66
CA LEU D 79 15.81 5.74 18.16
C LEU D 79 15.14 5.44 19.49
N THR D 80 15.10 6.43 20.38
CA THR D 80 14.44 6.23 21.67
C THR D 80 12.96 5.95 21.48
N ASP D 81 12.30 6.68 20.59
CA ASP D 81 10.88 6.44 20.33
C ASP D 81 10.66 5.04 19.75
N ILE D 82 11.53 4.61 18.84
CA ILE D 82 11.42 3.27 18.28
C ILE D 82 11.59 2.23 19.38
N PHE D 83 12.55 2.44 20.28
CA PHE D 83 12.73 1.50 21.39
C PHE D 83 11.50 1.45 22.27
N THR D 84 10.89 2.61 22.55
CA THR D 84 9.69 2.64 23.38
C THR D 84 8.44 2.25 22.58
N THR D 85 8.57 2.15 21.25
CA THR D 85 7.42 1.81 20.42
C THR D 85 6.86 0.42 20.72
N LEU D 86 7.69 -0.48 21.25
CA LEU D 86 7.28 -1.84 21.55
C LEU D 86 7.11 -2.09 23.04
N VAL D 87 7.00 -1.04 23.85
CA VAL D 87 6.88 -1.19 25.30
C VAL D 87 5.48 -1.57 25.75
N ASP D 88 4.50 -1.55 24.84
CA ASP D 88 3.13 -1.87 25.21
C ASP D 88 3.01 -3.35 25.55
N LEU D 89 2.05 -3.67 26.42
CA LEU D 89 1.86 -5.06 26.86
C LEU D 89 1.34 -5.93 25.73
N LYS D 90 0.71 -5.33 24.71
CA LYS D 90 0.13 -6.14 23.63
C LYS D 90 1.21 -6.90 22.86
N TRP D 91 2.40 -6.31 22.72
CA TRP D 91 3.50 -7.02 22.09
C TRP D 91 3.88 -8.26 22.89
N PHE D 92 3.93 -8.13 24.22
CA PHE D 92 4.20 -9.29 25.06
C PHE D 92 3.10 -10.33 24.93
N PHE D 93 1.85 -9.88 24.81
CA PHE D 93 0.75 -10.83 24.62
C PHE D 93 0.90 -11.60 23.32
N ASN D 94 1.27 -10.90 22.24
CA ASN D 94 1.50 -11.59 20.97
C ASN D 94 2.64 -12.58 21.09
N LEU D 95 3.72 -12.19 21.77
CA LEU D 95 4.81 -13.13 22.00
C LEU D 95 4.32 -14.36 22.74
N LEU D 96 3.46 -14.16 23.75
CA LEU D 96 2.91 -15.29 24.51
C LEU D 96 2.08 -16.21 23.62
N ILE D 97 1.22 -15.64 22.77
CA ILE D 97 0.36 -16.50 21.97
C ILE D 97 1.19 -17.30 20.96
N PHE D 98 2.24 -16.70 20.39
CA PHE D 98 3.03 -17.50 19.46
C PHE D 98 3.94 -18.48 20.21
N VAL D 99 4.33 -18.14 21.43
CA VAL D 99 4.99 -19.15 22.26
C VAL D 99 4.07 -20.35 22.41
N MET D 100 2.78 -20.10 22.63
CA MET D 100 1.83 -21.21 22.79
C MET D 100 1.69 -22.00 21.50
N VAL D 101 1.63 -21.34 20.33
CA VAL D 101 1.45 -22.10 19.09
C VAL D 101 2.69 -22.95 18.82
N TYR D 102 3.88 -22.39 19.02
CA TYR D 102 5.10 -23.18 18.88
C TYR D 102 5.10 -24.35 19.87
N THR D 103 4.66 -24.10 21.10
CA THR D 103 4.65 -25.16 22.11
C THR D 103 3.71 -26.29 21.70
N VAL D 104 2.54 -25.95 21.18
CA VAL D 104 1.61 -27.01 20.79
C VAL D 104 2.16 -27.80 19.61
N THR D 105 2.77 -27.11 18.63
CA THR D 105 3.38 -27.84 17.52
C THR D 105 4.45 -28.81 18.02
N TRP D 106 5.36 -28.31 18.86
CA TRP D 106 6.44 -29.14 19.35
C TRP D 106 5.92 -30.29 20.19
N LEU D 107 4.92 -30.04 21.03
CA LEU D 107 4.36 -31.09 21.88
C LEU D 107 3.68 -32.16 21.04
N PHE D 108 2.94 -31.75 20.01
CA PHE D 108 2.31 -32.73 19.14
C PHE D 108 3.37 -33.61 18.48
N PHE D 109 4.41 -33.00 17.92
CA PHE D 109 5.43 -33.81 17.26
C PHE D 109 6.19 -34.65 18.27
N GLY D 110 6.36 -34.18 19.50
CA GLY D 110 7.00 -34.99 20.51
C GLY D 110 6.19 -36.21 20.88
N MET D 111 4.87 -36.03 20.99
CA MET D 111 4.02 -37.19 21.32
C MET D 111 4.00 -38.19 20.19
N ILE D 112 4.01 -37.74 18.93
CA ILE D 112 4.12 -38.71 17.84
C ILE D 112 5.50 -39.38 17.81
N TRP D 113 6.56 -38.65 18.18
CA TRP D 113 7.87 -39.29 18.28
C TRP D 113 7.86 -40.38 19.34
N TRP D 114 7.27 -40.09 20.50
CA TRP D 114 7.13 -41.11 21.53
C TRP D 114 6.24 -42.25 21.03
N LEU D 115 5.23 -41.95 20.22
CA LEU D 115 4.37 -42.99 19.68
C LEU D 115 5.15 -43.95 18.80
N ILE D 116 5.99 -43.42 17.91
CA ILE D 116 6.79 -44.30 17.06
C ILE D 116 7.78 -45.09 17.90
N ALA D 117 8.38 -44.45 18.91
CA ALA D 117 9.31 -45.17 19.78
C ALA D 117 8.60 -46.33 20.47
N TYR D 118 7.40 -46.09 21.01
CA TYR D 118 6.66 -47.14 21.69
C TYR D 118 6.25 -48.25 20.72
N ILE D 119 5.80 -47.87 19.53
CA ILE D 119 5.40 -48.87 18.54
C ILE D 119 6.57 -49.77 18.19
N ARG D 120 7.75 -49.20 17.96
CA ARG D 120 8.94 -50.02 17.79
C ARG D 120 9.34 -50.70 19.10
N GLY D 121 8.79 -50.23 20.22
CA GLY D 121 9.11 -50.81 21.51
C GLY D 121 10.35 -50.18 22.12
N ASP D 122 11.47 -50.90 22.00
CA ASP D 122 12.83 -50.38 22.17
C ASP D 122 13.01 -49.56 23.45
N MET D 123 12.12 -49.70 24.43
CA MET D 123 12.37 -49.08 25.72
C MET D 123 13.17 -50.00 26.64
N ASP D 124 12.82 -51.28 26.69
CA ASP D 124 13.63 -52.25 27.43
C ASP D 124 14.96 -52.49 26.74
N HIS D 125 14.99 -52.40 25.41
CA HIS D 125 16.21 -52.66 24.67
C HIS D 125 17.25 -51.55 24.89
N ILE D 126 16.84 -50.44 25.49
CA ILE D 126 17.75 -49.32 25.72
C ILE D 126 18.91 -49.71 26.62
N GLU D 127 18.72 -50.70 27.47
CA GLU D 127 19.81 -51.17 28.32
C GLU D 127 20.72 -52.10 27.54
N ASP D 128 20.39 -52.33 26.28
CA ASP D 128 21.19 -53.24 25.46
C ASP D 128 21.57 -52.61 24.12
N PRO D 129 22.85 -52.69 23.75
CA PRO D 129 23.28 -52.16 22.45
C PRO D 129 22.75 -53.01 21.31
N SER D 130 22.25 -54.20 21.63
CA SER D 130 21.73 -55.10 20.61
C SER D 130 20.46 -54.55 19.96
N TRP D 131 20.32 -53.24 19.92
CA TRP D 131 19.16 -52.64 19.29
C TRP D 131 19.50 -51.24 18.78
N THR D 132 18.70 -50.77 17.83
CA THR D 132 18.86 -49.44 17.23
C THR D 132 17.55 -48.68 17.41
N PRO D 133 17.38 -47.95 18.52
CA PRO D 133 16.07 -47.38 18.84
C PRO D 133 15.70 -46.16 18.01
N CYS D 134 15.68 -46.30 16.68
CA CYS D 134 15.24 -45.21 15.82
C CYS D 134 16.04 -43.96 16.10
N VAL D 135 15.66 -43.23 17.15
CA VAL D 135 16.38 -42.05 17.59
C VAL D 135 17.13 -42.43 18.86
N THR D 136 18.46 -42.42 18.79
CA THR D 136 19.29 -42.95 19.86
C THR D 136 19.18 -42.10 21.12
N ASN D 137 19.35 -42.77 22.26
CA ASN D 137 19.38 -42.10 23.56
C ASN D 137 18.08 -41.32 23.81
N LEU D 138 16.98 -42.06 23.88
CA LEU D 138 15.64 -41.50 24.02
C LEU D 138 14.95 -42.09 25.25
N ASN D 139 14.89 -41.32 26.33
CA ASN D 139 14.01 -41.62 27.44
C ASN D 139 12.62 -41.11 27.06
N GLY D 140 11.69 -42.04 26.81
CA GLY D 140 10.55 -41.73 25.96
C GLY D 140 9.88 -40.41 26.25
N PHE D 141 9.27 -40.27 27.43
CA PHE D 141 8.28 -39.21 27.62
C PHE D 141 8.89 -37.83 27.46
N VAL D 142 10.04 -37.57 28.09
CA VAL D 142 10.61 -36.23 28.04
C VAL D 142 11.58 -36.11 26.87
N SER D 143 12.35 -37.17 26.58
CA SER D 143 13.31 -37.11 25.49
C SER D 143 12.62 -36.93 24.15
N ALA D 144 11.40 -37.45 23.99
CA ALA D 144 10.70 -37.25 22.73
C ALA D 144 10.43 -35.76 22.50
N PHE D 145 9.92 -35.07 23.51
CA PHE D 145 9.65 -33.64 23.36
C PHE D 145 10.96 -32.87 23.18
N LEU D 146 12.00 -33.26 23.90
CA LEU D 146 13.28 -32.57 23.76
C LEU D 146 13.84 -32.74 22.35
N PHE D 147 13.72 -33.95 21.79
CA PHE D 147 14.16 -34.16 20.42
C PHE D 147 13.28 -33.38 19.44
N SER D 148 11.99 -33.28 19.72
CA SER D 148 11.13 -32.48 18.85
C SER D 148 11.58 -31.03 18.82
N ILE D 149 11.88 -30.46 19.99
CA ILE D 149 12.35 -29.07 20.02
C ILE D 149 13.71 -28.95 19.34
N GLU D 150 14.56 -29.96 19.50
CA GLU D 150 15.89 -29.89 18.90
C GLU D 150 15.82 -29.98 17.38
N THR D 151 14.86 -30.75 16.85
CA THR D 151 14.84 -31.03 15.42
C THR D 151 14.00 -30.01 14.66
N GLU D 152 12.80 -29.72 15.17
CA GLU D 152 11.89 -28.84 14.45
C GLU D 152 12.48 -27.44 14.30
N THR D 153 13.16 -26.95 15.34
CA THR D 153 13.72 -25.61 15.33
C THR D 153 15.13 -25.55 14.74
N THR D 154 15.62 -26.64 14.16
CA THR D 154 16.91 -26.66 13.49
C THR D 154 18.06 -26.35 14.46
N ILE D 155 18.19 -27.19 15.48
CA ILE D 155 19.32 -27.12 16.40
C ILE D 155 20.08 -28.44 16.37
N GLY D 156 19.41 -29.53 16.73
CA GLY D 156 20.00 -30.84 16.63
C GLY D 156 21.36 -30.96 17.31
N TYR D 157 21.37 -30.93 18.64
CA TYR D 157 22.64 -30.95 19.37
C TYR D 157 23.47 -32.19 19.07
N GLY D 158 22.85 -33.26 18.59
CA GLY D 158 23.58 -34.47 18.27
C GLY D 158 23.66 -35.48 19.39
N TYR D 159 23.32 -35.10 20.62
CA TYR D 159 23.20 -36.09 21.68
C TYR D 159 22.01 -37.01 21.43
N ARG D 160 21.03 -36.53 20.68
CA ARG D 160 19.93 -37.33 20.17
C ARG D 160 19.91 -37.22 18.66
N VAL D 161 19.98 -38.36 17.97
CA VAL D 161 20.04 -38.38 16.52
C VAL D 161 19.30 -39.60 16.03
N ILE D 162 18.70 -39.48 14.83
CA ILE D 162 17.94 -40.56 14.23
C ILE D 162 18.88 -41.44 13.42
N THR D 163 18.56 -42.73 13.35
CA THR D 163 19.41 -43.72 12.71
C THR D 163 18.76 -44.20 11.42
N ASP D 164 19.60 -44.73 10.52
CA ASP D 164 19.14 -45.16 9.21
C ASP D 164 18.26 -46.41 9.25
N LYS D 165 18.18 -47.09 10.40
CA LYS D 165 17.51 -48.38 10.46
C LYS D 165 16.00 -48.29 10.54
N CYS D 166 15.43 -47.09 10.69
CA CYS D 166 13.98 -46.93 10.85
C CYS D 166 13.47 -45.89 9.85
N PRO D 167 13.02 -46.34 8.67
CA PRO D 167 12.50 -45.39 7.68
C PRO D 167 11.35 -44.53 8.18
N GLU D 168 10.51 -45.06 9.07
CA GLU D 168 9.44 -44.26 9.62
C GLU D 168 9.97 -42.99 10.26
N GLY D 169 11.08 -43.09 11.01
CA GLY D 169 11.69 -41.91 11.56
C GLY D 169 12.14 -40.93 10.49
N ILE D 170 12.65 -41.44 9.36
CA ILE D 170 13.11 -40.57 8.29
C ILE D 170 11.94 -39.78 7.71
N ILE D 171 10.86 -40.48 7.38
CA ILE D 171 9.71 -39.78 6.81
C ILE D 171 9.13 -38.80 7.83
N LEU D 172 9.13 -39.18 9.11
CA LEU D 172 8.60 -38.29 10.14
C LEU D 172 9.45 -37.03 10.26
N LEU D 173 10.77 -37.18 10.20
CA LEU D 173 11.65 -36.02 10.20
C LEU D 173 11.38 -35.13 9.00
N LEU D 174 11.18 -35.73 7.83
CA LEU D 174 10.90 -34.94 6.64
C LEU D 174 9.63 -34.09 6.84
N ILE D 175 8.55 -34.73 7.27
CA ILE D 175 7.29 -34.00 7.43
C ILE D 175 7.44 -32.94 8.52
N GLN D 176 8.16 -33.26 9.60
CA GLN D 176 8.36 -32.29 10.67
C GLN D 176 9.13 -31.08 10.18
N SER D 177 10.19 -31.29 9.40
CA SER D 177 10.95 -30.17 8.87
C SER D 177 10.08 -29.31 7.97
N VAL D 178 9.28 -29.94 7.11
CA VAL D 178 8.40 -29.17 6.22
C VAL D 178 7.43 -28.33 7.03
N LEU D 179 6.80 -28.94 8.05
CA LEU D 179 5.82 -28.22 8.85
C LEU D 179 6.47 -27.09 9.63
N GLY D 180 7.66 -27.32 10.17
CA GLY D 180 8.37 -26.26 10.87
C GLY D 180 8.71 -25.10 9.97
N SER D 181 9.14 -25.40 8.73
CA SER D 181 9.41 -24.33 7.78
C SER D 181 8.14 -23.55 7.47
N ILE D 182 7.01 -24.25 7.32
CA ILE D 182 5.75 -23.56 7.05
C ILE D 182 5.39 -22.63 8.20
N VAL D 183 5.53 -23.11 9.44
CA VAL D 183 5.18 -22.29 10.60
C VAL D 183 6.11 -21.08 10.70
N ASN D 184 7.41 -21.29 10.45
CA ASN D 184 8.35 -20.17 10.49
C ASN D 184 8.01 -19.14 9.42
N ALA D 185 7.61 -19.60 8.23
CA ALA D 185 7.17 -18.66 7.19
C ALA D 185 5.95 -17.88 7.65
N PHE D 186 5.01 -18.56 8.31
CA PHE D 186 3.83 -17.87 8.80
C PHE D 186 4.20 -16.80 9.81
N MET D 187 5.10 -17.11 10.73
CA MET D 187 5.58 -16.10 11.68
C MET D 187 6.26 -14.94 10.98
N VAL D 188 7.11 -15.23 10.00
CA VAL D 188 7.79 -14.15 9.30
C VAL D 188 6.78 -13.24 8.63
N GLY D 189 5.77 -13.82 7.99
CA GLY D 189 4.74 -13.03 7.35
C GLY D 189 3.95 -12.20 8.35
N CYS D 190 3.57 -12.80 9.49
CA CYS D 190 2.81 -12.07 10.49
C CYS D 190 3.61 -10.89 11.03
N MET D 191 4.89 -11.12 11.34
CA MET D 191 5.73 -10.02 11.83
C MET D 191 5.89 -8.94 10.76
N PHE D 192 6.07 -9.34 9.50
CA PHE D 192 6.21 -8.37 8.43
C PHE D 192 4.95 -7.51 8.31
N VAL D 193 3.78 -8.15 8.39
CA VAL D 193 2.53 -7.40 8.34
C VAL D 193 2.43 -6.45 9.52
N LYS D 194 2.80 -6.92 10.71
CA LYS D 194 2.73 -6.08 11.90
C LYS D 194 3.61 -4.84 11.74
N ILE D 195 4.83 -5.01 11.22
CA ILE D 195 5.74 -3.88 11.12
C ILE D 195 5.44 -3.04 9.88
N SER D 196 4.90 -3.67 8.84
CA SER D 196 4.70 -3.02 7.55
C SER D 196 3.26 -2.57 7.33
N GLN D 197 2.60 -2.06 8.37
CA GLN D 197 1.24 -1.58 8.22
C GLN D 197 1.23 -0.39 7.26
N PRO D 198 0.48 -0.44 6.16
CA PRO D 198 0.47 0.70 5.23
C PRO D 198 -0.01 2.00 5.85
N LYS D 199 -0.98 1.95 6.77
CA LYS D 199 -1.58 3.14 7.37
C LYS D 199 -1.18 3.20 8.84
N LYS D 200 -0.08 3.88 9.11
CA LYS D 200 0.39 4.04 10.48
C LYS D 200 -0.53 4.97 11.25
N ARG D 201 -0.91 4.55 12.47
CA ARG D 201 -1.73 5.39 13.34
C ARG D 201 -0.79 6.29 14.15
N ALA D 202 -0.33 7.34 13.49
CA ALA D 202 0.62 8.25 14.11
C ALA D 202 0.02 8.89 15.36
N GLU D 203 0.85 8.99 16.40
CA GLU D 203 0.40 9.58 17.66
C GLU D 203 0.65 11.08 17.73
N THR D 204 1.35 11.66 16.75
CA THR D 204 1.74 13.05 16.82
C THR D 204 0.69 14.01 16.27
N LEU D 205 -0.39 13.50 15.70
CA LEU D 205 -1.44 14.35 15.13
C LEU D 205 -2.55 14.51 16.17
N VAL D 206 -2.91 15.76 16.46
CA VAL D 206 -3.86 16.07 17.51
C VAL D 206 -4.91 17.02 16.97
N PHE D 207 -6.15 16.83 17.43
CA PHE D 207 -7.26 17.72 17.13
C PHE D 207 -7.67 18.46 18.40
N SER D 208 -8.19 19.67 18.23
CA SER D 208 -8.67 20.42 19.37
C SER D 208 -9.79 19.66 20.06
N THR D 209 -9.69 19.57 21.39
CA THR D 209 -10.72 18.87 22.15
C THR D 209 -12.10 19.48 21.97
N HIS D 210 -12.15 20.76 21.59
CA HIS D 210 -13.41 21.45 21.31
C HIS D 210 -13.40 21.99 19.90
N ALA D 211 -14.55 21.91 19.24
CA ALA D 211 -14.80 22.62 18.00
C ALA D 211 -15.76 23.76 18.29
N VAL D 212 -15.59 24.86 17.56
CA VAL D 212 -16.31 26.09 17.86
C VAL D 212 -17.08 26.55 16.64
N ILE D 213 -18.11 27.35 16.88
CA ILE D 213 -18.90 27.99 15.85
C ILE D 213 -18.80 29.49 16.02
N SER D 214 -18.41 30.19 14.96
CA SER D 214 -18.08 31.61 15.09
C SER D 214 -18.57 32.36 13.86
N MET D 215 -18.38 33.67 13.89
CA MET D 215 -18.75 34.56 12.79
C MET D 215 -17.51 34.91 11.99
N ARG D 216 -17.64 34.94 10.67
CA ARG D 216 -16.48 35.18 9.81
C ARG D 216 -16.93 35.84 8.52
N ASP D 217 -16.48 37.07 8.30
CA ASP D 217 -16.64 37.75 7.01
C ASP D 217 -18.09 37.69 6.52
N GLY D 218 -19.04 37.95 7.42
CA GLY D 218 -20.44 37.88 7.05
C GLY D 218 -20.98 36.49 6.90
N LYS D 219 -20.22 35.46 7.28
CA LYS D 219 -20.65 34.08 7.23
C LYS D 219 -20.55 33.46 8.62
N LEU D 220 -21.38 32.47 8.86
CA LEU D 220 -21.37 31.71 10.11
C LEU D 220 -20.72 30.36 9.84
N CYS D 221 -19.65 30.05 10.56
CA CYS D 221 -18.81 28.92 10.20
C CYS D 221 -18.49 28.09 11.44
N LEU D 222 -18.18 26.82 11.21
CA LEU D 222 -17.70 25.91 12.23
C LEU D 222 -16.21 25.68 12.05
N MET D 223 -15.47 25.70 13.15
CA MET D 223 -14.02 25.60 13.13
C MET D 223 -13.54 24.59 14.16
N PHE D 224 -12.53 23.80 13.78
CA PHE D 224 -11.86 22.90 14.70
C PHE D 224 -10.40 22.82 14.32
N ARG D 225 -9.53 22.99 15.31
CA ARG D 225 -8.10 23.14 15.08
C ARG D 225 -7.44 21.79 14.91
N VAL D 226 -6.46 21.73 14.02
CA VAL D 226 -5.71 20.50 13.75
C VAL D 226 -4.24 20.86 13.60
N GLY D 227 -3.36 19.90 13.89
CA GLY D 227 -1.94 20.13 13.78
C GLY D 227 -1.15 18.94 14.27
N ASP D 228 0.17 19.07 14.22
CA ASP D 228 1.09 18.04 14.72
C ASP D 228 1.95 18.61 15.83
N LEU D 229 2.39 17.72 16.73
CA LEU D 229 3.13 18.17 17.90
C LEU D 229 4.62 18.31 17.65
N ARG D 230 5.19 17.52 16.74
CA ARG D 230 6.60 17.58 16.43
C ARG D 230 6.96 18.76 15.54
N ASN D 231 5.94 19.42 14.99
CA ASN D 231 6.02 20.75 14.38
C ASN D 231 6.72 20.79 13.03
N SER D 232 7.38 19.70 12.63
CA SER D 232 7.90 19.61 11.26
C SER D 232 7.83 18.19 10.73
N HIS D 233 7.00 17.35 11.33
CA HIS D 233 7.03 15.92 11.04
C HIS D 233 6.12 15.53 9.88
N ILE D 234 4.94 16.14 9.77
CA ILE D 234 4.01 15.81 8.69
C ILE D 234 3.42 17.11 8.15
N VAL D 235 3.81 17.49 6.94
CA VAL D 235 3.39 18.76 6.38
C VAL D 235 2.26 18.61 5.37
N GLU D 236 2.15 17.45 4.73
CA GLU D 236 1.13 17.20 3.72
C GLU D 236 0.04 16.31 4.33
N ALA D 237 -1.20 16.79 4.29
CA ALA D 237 -2.31 16.04 4.85
C ALA D 237 -3.61 16.48 4.19
N SER D 238 -4.55 15.55 4.09
CA SER D 238 -5.88 15.82 3.55
C SER D 238 -6.91 15.50 4.61
N ILE D 239 -7.93 16.35 4.73
CA ILE D 239 -8.89 16.27 5.82
C ILE D 239 -10.30 16.12 5.25
N ARG D 240 -11.08 15.24 5.87
CA ARG D 240 -12.49 15.08 5.56
C ARG D 240 -13.26 14.86 6.85
N ALA D 241 -14.48 15.37 6.90
CA ALA D 241 -15.31 15.29 8.10
C ALA D 241 -16.70 14.80 7.73
N LYS D 242 -17.23 13.88 8.52
CA LYS D 242 -18.55 13.31 8.30
C LYS D 242 -19.41 13.51 9.54
N LEU D 243 -20.67 13.83 9.33
CA LEU D 243 -21.63 14.04 10.42
C LEU D 243 -22.53 12.82 10.53
N ILE D 244 -22.74 12.36 11.77
CA ILE D 244 -23.57 11.19 12.05
C ILE D 244 -24.73 11.64 12.92
N LYS D 245 -25.94 11.36 12.49
CA LYS D 245 -27.12 11.89 13.15
C LYS D 245 -28.34 11.06 12.79
N SER D 246 -29.33 11.06 13.69
CA SER D 246 -30.62 10.47 13.39
C SER D 246 -31.45 11.43 12.55
N LYS D 247 -32.17 10.89 11.57
CA LYS D 247 -32.97 11.69 10.66
C LYS D 247 -34.33 11.03 10.46
N GLN D 248 -35.34 11.86 10.24
CA GLN D 248 -36.69 11.41 9.95
C GLN D 248 -37.23 12.22 8.79
N THR D 249 -37.79 11.53 7.80
CA THR D 249 -38.30 12.16 6.59
C THR D 249 -39.82 12.29 6.66
N SER D 250 -40.36 13.15 5.79
CA SER D 250 -41.80 13.37 5.77
C SER D 250 -42.56 12.10 5.46
N GLU D 251 -41.95 11.18 4.71
CA GLU D 251 -42.60 9.94 4.34
C GLU D 251 -42.58 8.88 5.45
N GLY D 252 -42.19 9.27 6.67
CA GLY D 252 -42.23 8.35 7.79
C GLY D 252 -40.99 7.53 8.00
N GLU D 253 -40.00 7.61 7.11
CA GLU D 253 -38.77 6.85 7.28
C GLU D 253 -38.01 7.36 8.49
N PHE D 254 -37.49 6.43 9.28
CA PHE D 254 -36.59 6.75 10.39
C PHE D 254 -35.30 5.97 10.21
N ILE D 255 -34.21 6.70 9.96
CA ILE D 255 -32.89 6.11 9.74
C ILE D 255 -32.02 6.50 10.93
N PRO D 256 -31.76 5.61 11.89
CA PRO D 256 -31.08 6.03 13.12
C PRO D 256 -29.67 6.56 12.91
N LEU D 257 -28.93 6.05 11.92
CA LEU D 257 -27.54 6.44 11.71
C LEU D 257 -27.41 6.93 10.27
N ASN D 258 -27.69 8.22 10.07
CA ASN D 258 -27.68 8.84 8.76
C ASN D 258 -26.45 9.71 8.61
N GLN D 259 -25.50 9.26 7.79
CA GLN D 259 -24.24 9.96 7.60
C GLN D 259 -24.41 11.11 6.61
N THR D 260 -23.50 12.07 6.71
CA THR D 260 -23.44 13.19 5.78
C THR D 260 -22.03 13.77 5.81
N ASP D 261 -21.59 14.31 4.68
CA ASP D 261 -20.28 14.92 4.56
C ASP D 261 -20.42 16.44 4.64
N ILE D 262 -19.56 17.06 5.43
CA ILE D 262 -19.53 18.51 5.58
C ILE D 262 -18.36 19.03 4.76
N ASN D 263 -18.64 19.88 3.78
CA ASN D 263 -17.65 20.28 2.78
C ASN D 263 -16.63 21.20 3.43
N VAL D 264 -15.50 20.61 3.83
CA VAL D 264 -14.36 21.38 4.30
C VAL D 264 -13.52 21.92 3.15
N GLY D 265 -13.96 21.73 1.90
CA GLY D 265 -13.21 22.24 0.76
C GLY D 265 -13.08 21.27 -0.39
N TYR D 266 -13.76 20.12 -0.31
CA TYR D 266 -13.61 19.10 -1.35
C TYR D 266 -13.87 19.67 -2.73
N TYR D 267 -14.86 20.55 -2.88
CA TYR D 267 -15.16 21.11 -4.20
C TYR D 267 -13.95 21.86 -4.76
N THR D 268 -13.36 22.74 -3.96
CA THR D 268 -12.35 23.65 -4.49
C THR D 268 -10.95 23.04 -4.45
N GLY D 269 -10.83 21.82 -3.96
CA GLY D 269 -9.53 21.22 -3.74
C GLY D 269 -8.78 21.78 -2.55
N ASP D 270 -9.46 22.55 -1.70
CA ASP D 270 -8.83 23.19 -0.55
C ASP D 270 -8.65 22.25 0.64
N ASP D 271 -9.15 21.02 0.55
CA ASP D 271 -9.06 20.09 1.68
C ASP D 271 -7.66 19.51 1.85
N ARG D 272 -6.74 19.78 0.95
CA ARG D 272 -5.37 19.30 1.06
C ARG D 272 -4.54 20.36 1.78
N LEU D 273 -4.19 20.07 3.04
CA LEU D 273 -3.58 21.04 3.92
C LEU D 273 -2.05 21.03 3.79
N PHE D 274 -1.44 22.14 4.21
CA PHE D 274 0.01 22.25 4.36
C PHE D 274 0.27 22.58 5.82
N LEU D 275 0.64 21.56 6.61
CA LEU D 275 0.76 21.70 8.06
C LEU D 275 2.17 22.13 8.46
N VAL D 276 2.53 23.35 8.06
CA VAL D 276 3.74 23.98 8.58
C VAL D 276 3.57 24.46 10.00
N SER D 277 2.33 24.57 10.47
CA SER D 277 2.03 25.05 11.81
C SER D 277 0.65 24.54 12.19
N PRO D 278 0.33 24.47 13.47
CA PRO D 278 -1.04 24.15 13.87
C PRO D 278 -2.04 25.07 13.19
N LEU D 279 -3.11 24.50 12.66
CA LEU D 279 -3.96 25.16 11.68
C LEU D 279 -5.42 25.03 12.08
N ILE D 280 -6.21 26.03 11.68
CA ILE D 280 -7.65 26.04 11.89
C ILE D 280 -8.34 25.64 10.60
N ILE D 281 -9.22 24.64 10.68
CA ILE D 281 -10.02 24.19 9.54
C ILE D 281 -11.41 24.79 9.68
N SER D 282 -11.88 25.46 8.64
CA SER D 282 -13.13 26.20 8.69
C SER D 282 -14.11 25.61 7.68
N HIS D 283 -15.30 25.27 8.17
CA HIS D 283 -16.41 24.83 7.34
C HIS D 283 -17.51 25.87 7.38
N GLU D 284 -18.04 26.22 6.22
CA GLU D 284 -19.04 27.27 6.10
C GLU D 284 -20.43 26.66 6.14
N ILE D 285 -21.29 27.22 7.00
CA ILE D 285 -22.66 26.74 7.14
C ILE D 285 -23.54 27.45 6.13
N ASN D 286 -23.77 26.81 4.98
CA ASN D 286 -24.59 27.32 3.91
C ASN D 286 -25.72 26.34 3.63
N GLN D 287 -26.43 26.57 2.52
CA GLN D 287 -27.57 25.74 2.16
C GLN D 287 -27.22 24.25 2.19
N GLN D 288 -26.01 23.89 1.74
CA GLN D 288 -25.61 22.50 1.68
C GLN D 288 -25.09 21.95 3.00
N SER D 289 -24.86 22.80 4.00
CA SER D 289 -24.29 22.34 5.24
C SER D 289 -25.39 21.74 6.13
N PRO D 290 -25.12 20.61 6.80
CA PRO D 290 -26.12 20.04 7.70
C PRO D 290 -26.53 20.99 8.82
N PHE D 291 -25.63 21.86 9.27
CA PHE D 291 -25.94 22.75 10.38
C PHE D 291 -26.77 23.96 9.95
N TRP D 292 -27.29 23.96 8.73
CA TRP D 292 -28.01 25.13 8.23
C TRP D 292 -29.17 25.50 9.13
N GLU D 293 -29.80 24.52 9.78
CA GLU D 293 -30.98 24.79 10.59
C GLU D 293 -30.63 25.02 12.05
N ILE D 294 -29.42 24.65 12.47
CA ILE D 294 -29.09 24.61 13.89
C ILE D 294 -29.05 26.03 14.43
N SER D 295 -29.79 26.28 15.50
CA SER D 295 -29.67 27.51 16.28
C SER D 295 -28.90 27.24 17.57
N LYS D 296 -28.60 28.31 18.30
CA LYS D 296 -27.81 28.16 19.51
C LYS D 296 -28.52 27.27 20.53
N ALA D 297 -29.71 27.68 20.97
CA ALA D 297 -30.42 26.91 21.98
C ALA D 297 -30.74 25.49 21.48
N GLN D 298 -30.83 25.31 20.17
CA GLN D 298 -31.13 23.99 19.63
C GLN D 298 -29.93 23.05 19.68
N LEU D 299 -28.72 23.60 19.59
CA LEU D 299 -27.54 22.76 19.49
C LEU D 299 -27.39 21.82 20.68
N PRO D 300 -27.58 22.25 21.93
CA PRO D 300 -27.53 21.30 23.04
C PRO D 300 -28.51 20.16 22.91
N LYS D 301 -29.70 20.42 22.36
CA LYS D 301 -30.74 19.40 22.31
C LYS D 301 -30.48 18.38 21.21
N GLU D 302 -29.92 18.82 20.08
CA GLU D 302 -29.94 18.03 18.87
C GLU D 302 -29.20 16.70 18.99
N GLU D 303 -28.27 16.57 19.93
CA GLU D 303 -27.56 15.32 20.19
C GLU D 303 -26.89 14.77 18.95
N LEU D 304 -26.36 15.63 18.09
CA LEU D 304 -25.66 15.18 16.90
C LEU D 304 -24.23 14.79 17.25
N GLU D 305 -23.51 14.29 16.24
CA GLU D 305 -22.12 13.90 16.40
C GLU D 305 -21.36 14.21 15.12
N ILE D 306 -20.04 14.36 15.26
CA ILE D 306 -19.14 14.55 14.13
C ILE D 306 -18.01 13.54 14.24
N VAL D 307 -17.42 13.20 13.10
CA VAL D 307 -16.21 12.40 13.07
C VAL D 307 -15.29 12.99 12.01
N VAL D 308 -14.02 13.15 12.36
CA VAL D 308 -13.04 13.81 11.51
C VAL D 308 -11.90 12.84 11.25
N ILE D 309 -11.47 12.76 9.99
CA ILE D 309 -10.39 11.87 9.57
C ILE D 309 -9.32 12.70 8.87
N LEU D 310 -8.07 12.46 9.23
CA LEU D 310 -6.94 13.16 8.63
C LEU D 310 -5.88 12.14 8.25
N GLU D 311 -5.39 12.23 7.01
CA GLU D 311 -4.37 11.32 6.52
C GLU D 311 -3.33 12.12 5.76
N GLY D 312 -2.06 11.79 5.96
CA GLY D 312 -0.98 12.49 5.28
C GLY D 312 0.26 11.64 5.25
N MET D 313 1.26 12.09 4.48
CA MET D 313 2.51 11.38 4.33
C MET D 313 3.54 11.96 5.29
N VAL D 314 4.34 11.09 5.90
CA VAL D 314 5.35 11.53 6.86
C VAL D 314 6.47 12.25 6.13
N GLU D 315 6.93 13.36 6.70
CA GLU D 315 7.97 14.15 6.03
C GLU D 315 9.27 13.38 5.92
N ALA D 316 9.68 12.69 6.99
CA ALA D 316 10.95 11.97 6.96
C ALA D 316 10.96 10.89 5.89
N THR D 317 9.89 10.09 5.80
CA THR D 317 9.75 9.08 4.76
C THR D 317 8.32 9.06 4.25
N GLY D 318 8.12 8.67 2.99
CA GLY D 318 6.83 8.85 2.36
C GLY D 318 5.77 7.84 2.76
N MET D 319 5.86 7.31 3.97
CA MET D 319 4.79 6.48 4.50
C MET D 319 3.60 7.34 4.89
N THR D 320 2.40 6.80 4.70
CA THR D 320 1.16 7.50 4.99
C THR D 320 0.70 7.17 6.39
N CYS D 321 0.43 8.20 7.18
CA CYS D 321 -0.06 8.04 8.54
C CYS D 321 -1.42 8.73 8.67
N GLN D 322 -2.26 8.19 9.55
CA GLN D 322 -3.64 8.61 9.65
C GLN D 322 -4.01 8.88 11.10
N ALA D 323 -4.94 9.82 11.30
CA ALA D 323 -5.45 10.16 12.62
C ALA D 323 -6.95 10.33 12.55
N ARG D 324 -7.60 10.25 13.70
CA ARG D 324 -9.05 10.31 13.75
C ARG D 324 -9.50 10.92 15.08
N SER D 325 -10.70 11.47 15.09
CA SER D 325 -11.29 12.04 16.29
C SER D 325 -12.78 12.24 16.05
N SER D 326 -13.45 12.78 17.06
CA SER D 326 -14.89 12.99 16.99
C SER D 326 -15.29 14.15 17.89
N TYR D 327 -16.52 14.63 17.68
CA TYR D 327 -17.10 15.68 18.49
C TYR D 327 -18.56 15.38 18.77
N ILE D 328 -18.94 15.43 20.04
CA ILE D 328 -20.34 15.29 20.45
C ILE D 328 -20.87 16.69 20.70
N THR D 329 -22.20 16.83 20.67
CA THR D 329 -22.80 18.15 20.78
C THR D 329 -22.34 18.87 22.03
N SER D 330 -22.00 18.14 23.09
CA SER D 330 -21.49 18.78 24.30
C SER D 330 -20.14 19.45 24.04
N GLU D 331 -19.34 18.90 23.12
CA GLU D 331 -18.00 19.45 22.89
C GLU D 331 -18.01 20.60 21.89
N ILE D 332 -19.12 20.84 21.20
CA ILE D 332 -19.21 21.93 20.23
C ILE D 332 -19.74 23.16 20.95
N LEU D 333 -18.96 24.23 20.94
CA LEU D 333 -19.31 25.48 21.61
C LEU D 333 -19.87 26.47 20.61
N TRP D 334 -20.66 27.41 21.10
CA TRP D 334 -21.27 28.45 20.27
C TRP D 334 -20.73 29.81 20.67
N GLY D 335 -20.33 30.61 19.68
CA GLY D 335 -19.81 31.93 19.94
C GLY D 335 -18.41 31.94 20.52
N TYR D 336 -17.58 30.97 20.14
CA TYR D 336 -16.22 30.85 20.66
C TYR D 336 -15.23 30.87 19.51
N ARG D 337 -14.04 31.43 19.77
CA ARG D 337 -12.96 31.48 18.80
C ARG D 337 -11.72 30.85 19.40
N PHE D 338 -10.89 30.26 18.53
CA PHE D 338 -9.63 29.67 18.93
C PHE D 338 -8.62 30.78 19.20
N THR D 339 -7.95 30.71 20.34
CA THR D 339 -6.87 31.65 20.61
C THR D 339 -5.66 31.30 19.72
N PRO D 340 -4.94 32.30 19.21
CA PRO D 340 -3.89 32.01 18.23
C PRO D 340 -2.74 31.24 18.85
N VAL D 341 -2.48 30.06 18.30
CA VAL D 341 -1.32 29.28 18.71
C VAL D 341 -0.03 29.97 18.28
N LEU D 342 -0.01 30.54 17.08
CA LEU D 342 1.19 31.12 16.50
C LEU D 342 1.09 32.64 16.55
N THR D 343 2.11 33.27 17.10
CA THR D 343 2.20 34.73 17.15
C THR D 343 3.49 35.16 16.46
N LEU D 344 3.43 36.32 15.81
CA LEU D 344 4.53 36.79 14.98
C LEU D 344 5.47 37.68 15.78
N GLU D 345 6.76 37.49 15.59
CA GLU D 345 7.79 38.29 16.23
C GLU D 345 8.86 38.62 15.20
N ASP D 346 9.64 39.65 15.49
CA ASP D 346 10.68 40.09 14.57
C ASP D 346 11.65 38.95 14.29
N GLY D 347 11.91 38.72 13.00
CA GLY D 347 12.86 37.70 12.59
C GLY D 347 12.28 36.30 12.59
N PHE D 348 11.53 35.95 13.63
CA PHE D 348 11.02 34.59 13.78
C PHE D 348 9.69 34.63 14.51
N TYR D 349 8.94 33.54 14.37
CA TYR D 349 7.67 33.37 15.07
C TYR D 349 7.85 32.40 16.23
N GLU D 350 6.96 32.50 17.22
CA GLU D 350 6.95 31.59 18.37
C GLU D 350 5.65 30.81 18.37
N VAL D 351 5.77 29.49 18.50
CA VAL D 351 4.62 28.58 18.53
C VAL D 351 4.48 28.09 19.97
N ASP D 352 3.31 28.32 20.56
CA ASP D 352 3.03 27.98 21.95
C ASP D 352 1.97 26.88 21.96
N TYR D 353 2.42 25.63 21.96
CA TYR D 353 1.49 24.51 21.90
C TYR D 353 0.58 24.45 23.11
N ASN D 354 1.00 25.05 24.24
CA ASN D 354 0.18 25.00 25.45
C ASN D 354 -1.18 25.68 25.23
N SER D 355 -1.24 26.66 24.33
CA SER D 355 -2.51 27.30 24.03
C SER D 355 -3.24 26.61 22.90
N PHE D 356 -2.71 25.47 22.42
CA PHE D 356 -3.29 24.79 21.27
C PHE D 356 -4.78 24.51 21.46
N HIS D 357 -5.15 23.94 22.61
CA HIS D 357 -6.55 23.60 22.86
C HIS D 357 -7.37 24.78 23.35
N GLU D 358 -6.74 25.84 23.86
CA GLU D 358 -7.49 26.91 24.50
C GLU D 358 -8.38 27.63 23.51
N THR D 359 -9.55 28.07 24.00
CA THR D 359 -10.48 28.86 23.22
C THR D 359 -11.01 29.99 24.09
N TYR D 360 -11.42 31.08 23.43
CA TYR D 360 -11.96 32.24 24.13
C TYR D 360 -13.27 32.66 23.48
N GLU D 361 -14.12 33.30 24.27
CA GLU D 361 -15.49 33.64 23.87
C GLU D 361 -15.51 34.99 23.16
N THR D 362 -16.52 35.17 22.31
CA THR D 362 -16.74 36.42 21.61
C THR D 362 -18.21 36.53 21.24
N SER D 363 -18.63 37.74 20.88
CA SER D 363 -20.02 37.98 20.54
C SER D 363 -20.31 37.45 19.14
N THR D 364 -21.37 36.65 19.03
CA THR D 364 -21.86 36.13 17.77
C THR D 364 -23.37 36.05 17.82
N PRO D 365 -24.04 36.12 16.68
CA PRO D 365 -25.50 35.98 16.69
C PRO D 365 -25.93 34.63 17.25
N SER D 366 -27.04 34.64 17.99
CA SER D 366 -27.59 33.40 18.54
C SER D 366 -28.54 32.71 17.58
N LEU D 367 -28.85 33.33 16.44
CA LEU D 367 -29.76 32.73 15.48
C LEU D 367 -29.01 31.70 14.63
N SER D 368 -29.80 30.80 14.02
CA SER D 368 -29.23 29.85 13.08
C SER D 368 -28.79 30.56 11.82
N ALA D 369 -27.85 29.94 11.09
CA ALA D 369 -27.37 30.54 9.85
C ALA D 369 -28.53 30.82 8.90
N LYS D 370 -29.55 29.95 8.90
CA LYS D 370 -30.71 30.17 8.05
C LYS D 370 -31.45 31.45 8.45
N GLU D 371 -31.71 31.61 9.74
CA GLU D 371 -32.40 32.82 10.20
C GLU D 371 -31.52 34.05 9.99
N LEU D 372 -30.20 33.90 10.13
CA LEU D 372 -29.31 35.02 9.88
C LEU D 372 -29.37 35.46 8.43
N ALA D 373 -29.36 34.50 7.50
CA ALA D 373 -29.49 34.85 6.09
C ALA D 373 -30.87 35.46 5.80
N GLU D 374 -31.91 34.94 6.44
CA GLU D 374 -33.25 35.49 6.24
C GLU D 374 -33.33 36.94 6.69
N LEU D 375 -32.77 37.25 7.85
CA LEU D 375 -32.81 38.63 8.34
C LEU D 375 -31.91 39.53 7.50
N ALA D 376 -30.79 39.00 7.01
CA ALA D 376 -29.96 39.79 6.10
C ALA D 376 -30.73 40.13 4.83
N ASN D 377 -31.45 39.17 4.26
CA ASN D 377 -32.26 39.43 3.09
C ASN D 377 -33.36 40.44 3.40
N ARG D 378 -34.01 40.31 4.56
CA ARG D 378 -35.05 41.25 4.94
C ARG D 378 -34.48 42.67 5.05
N ALA D 379 -33.30 42.81 5.65
CA ALA D 379 -32.65 44.11 5.72
C ALA D 379 -32.33 44.64 4.32
N GLU D 380 -31.89 43.76 3.42
CA GLU D 380 -31.62 44.18 2.05
C GLU D 380 -32.87 44.72 1.38
N SER D 381 -34.01 44.08 1.60
CA SER D 381 -35.28 44.54 1.03
C SER D 381 -35.80 45.74 1.81
#